data_6FL3
#
_entry.id   6FL3
#
_cell.length_a   58.950
_cell.length_b   59.010
_cell.length_c   83.360
_cell.angle_alpha   88.980
_cell.angle_beta   89.560
_cell.angle_gamma   63.650
#
_symmetry.space_group_name_H-M   'P 1'
#
loop_
_entity.id
_entity.type
_entity.pdbx_description
1 polymer 'Inositol-pentakisphosphate 2-kinase'
2 non-polymer MYO-INOSITOL-(1,3,4,5,6)-PENTAKISPHOSPHATE
3 non-polymer "ADENOSINE-5'-DIPHOSPHATE"
4 non-polymer 'MAGNESIUM ION'
5 non-polymer 'ZINC ION'
6 non-polymer 2-[3-(2-HYDROXY-1,1-DIHYDROXYMETHYL-ETHYLAMINO)-PROPYLAMINO]-2-HYDROXYMETHYL-PROPANE-1,3-DIOL
7 water water
#
_entity_poly.entity_id   1
_entity_poly.type   'polypeptide(L)'
_entity_poly.pdbx_seq_one_letter_code
;MAHHHHHHSSGLEVLFQGPMEMILEEKDASDWIYRGEGGANLVLAYAGSSPLFVGKVIRIQKARRNDKAIKNSNGVVSVL
TSDEQHLWRENNELISSPNKEVLEQRYVQNVIIPLLGPKHVDAGVRVSVSKEFLECVDKKVTKQRPLWRVNAANVDTSHD
SALILNDHSLFSQGITSGGDCISVEIKPKCGFLPTSRFIGKENMLKTSVSRFKMHQLLKLEYIEISEESEYDPLDLFSGS
KERVLEAIKALYSTPQNNFRVFLNGSLILGGSGESTGRTSPEIGYAFEDALKGFIQSEDGHRTECFLQLVSDAVYGSGVL
DRLLEIQKLDKLDIEGAIHCYYDIINQPCPICKEGRPLEAELSLHALPLDESLKIVKEYLIAATAKDCSIMISFQSRNAW
DSEPSGDYVSLKPTNQTFDYKVHFIDLSLKPLKRMESYYKLDKKIISFYNRKQKAENTAEQIGNSKPSHS
;
_entity_poly.pdbx_strand_id   A,B
#
# COMPACT_ATOMS: atom_id res chain seq x y z
N GLU A 13 -39.08 -22.42 49.13
CA GLU A 13 -37.63 -22.52 48.92
C GLU A 13 -37.30 -23.57 47.84
N VAL A 14 -36.47 -23.19 46.86
CA VAL A 14 -36.12 -24.05 45.73
C VAL A 14 -34.61 -24.06 45.54
N LEU A 15 -34.10 -25.17 45.03
CA LEU A 15 -32.67 -25.31 44.80
C LEU A 15 -32.32 -24.75 43.44
N PHE A 16 -31.43 -23.76 43.41
CA PHE A 16 -30.93 -23.21 42.17
C PHE A 16 -29.55 -23.74 41.87
N GLN A 17 -29.25 -23.89 40.58
CA GLN A 17 -27.91 -24.27 40.16
C GLN A 17 -26.89 -23.27 40.71
N GLY A 18 -25.68 -23.78 40.96
CA GLY A 18 -24.56 -22.95 41.31
C GLY A 18 -24.19 -22.01 40.18
N PRO A 19 -23.41 -20.98 40.48
CA PRO A 19 -22.98 -20.04 39.43
C PRO A 19 -22.20 -20.73 38.32
N MET A 20 -22.51 -20.37 37.08
CA MET A 20 -21.73 -20.87 35.95
C MET A 20 -21.65 -19.80 34.87
N GLU A 21 -20.46 -19.61 34.32
CA GLU A 21 -20.24 -18.66 33.24
C GLU A 21 -21.16 -18.97 32.06
N MET A 22 -21.76 -17.93 31.50
CA MET A 22 -22.63 -18.07 30.34
C MET A 22 -21.84 -18.47 29.10
N ILE A 23 -22.45 -19.32 28.27
CA ILE A 23 -21.86 -19.79 27.01
C ILE A 23 -22.93 -19.67 25.92
N LEU A 24 -22.70 -18.79 24.95
CA LEU A 24 -23.54 -18.75 23.76
C LEU A 24 -23.15 -19.89 22.82
N GLU A 25 -24.10 -20.76 22.50
CA GLU A 25 -23.89 -21.92 21.66
C GLU A 25 -24.51 -21.68 20.29
N GLU A 26 -24.34 -22.65 19.41
CA GLU A 26 -24.85 -22.55 18.04
C GLU A 26 -26.33 -22.16 17.99
N LYS A 27 -27.15 -22.71 18.89
CA LYS A 27 -28.56 -22.35 18.90
C LYS A 27 -28.76 -20.84 18.99
N ASP A 28 -28.01 -20.18 19.89
CA ASP A 28 -28.24 -18.77 20.20
C ASP A 28 -27.96 -17.82 19.05
N ALA A 29 -27.45 -18.33 17.92
CA ALA A 29 -27.07 -17.45 16.83
C ALA A 29 -28.26 -16.68 16.27
N SER A 30 -29.44 -17.28 16.28
CA SER A 30 -30.60 -16.60 15.72
C SER A 30 -31.01 -15.36 16.50
N ASP A 31 -30.51 -15.20 17.73
CA ASP A 31 -30.90 -14.11 18.61
C ASP A 31 -30.13 -12.81 18.36
N TRP A 32 -29.16 -12.80 17.47
CA TRP A 32 -28.32 -11.62 17.25
C TRP A 32 -28.45 -11.19 15.80
N ILE A 33 -28.42 -9.89 15.57
CA ILE A 33 -28.56 -9.36 14.21
C ILE A 33 -27.51 -8.28 13.98
N TYR A 34 -27.10 -8.15 12.73
CA TYR A 34 -26.09 -7.17 12.35
C TYR A 34 -26.47 -5.76 12.79
N ARG A 35 -25.53 -5.10 13.45
CA ARG A 35 -25.59 -3.66 13.69
C ARG A 35 -24.51 -2.91 12.92
N GLY A 36 -23.28 -3.40 12.93
CA GLY A 36 -22.23 -2.77 12.16
C GLY A 36 -20.90 -3.43 12.42
N GLU A 37 -19.83 -2.73 12.01
CA GLU A 37 -18.45 -3.21 12.10
C GLU A 37 -17.53 -2.11 11.63
N GLY A 38 -16.33 -2.10 12.19
CA GLY A 38 -15.25 -1.27 11.67
C GLY A 38 -14.20 -2.20 11.08
N GLY A 39 -12.93 -1.82 11.17
CA GLY A 39 -11.89 -2.67 10.62
C GLY A 39 -11.56 -3.90 11.45
N ALA A 40 -11.86 -3.88 12.75
CA ALA A 40 -11.43 -4.97 13.62
C ALA A 40 -12.56 -5.81 14.20
N ASN A 41 -13.75 -5.26 14.33
CA ASN A 41 -14.80 -5.91 15.10
C ASN A 41 -16.13 -5.89 14.37
N LEU A 42 -16.91 -6.93 14.63
CA LEU A 42 -18.28 -7.05 14.17
C LEU A 42 -19.17 -6.85 15.40
N VAL A 43 -20.25 -6.08 15.24
CA VAL A 43 -21.14 -5.78 16.36
C VAL A 43 -22.55 -6.25 16.02
N LEU A 44 -23.13 -7.05 16.90
CA LEU A 44 -24.47 -7.57 16.71
C LEU A 44 -25.37 -7.12 17.87
N ALA A 45 -26.62 -6.76 17.55
CA ALA A 45 -27.60 -6.37 18.54
C ALA A 45 -28.49 -7.56 18.91
N TYR A 46 -28.75 -7.72 20.21
CA TYR A 46 -29.58 -8.81 20.67
C TYR A 46 -31.04 -8.58 20.28
N ALA A 47 -31.66 -9.59 19.67
CA ALA A 47 -33.08 -9.53 19.30
C ALA A 47 -34.00 -10.28 20.25
N GLY A 48 -33.47 -11.20 21.06
CA GLY A 48 -34.30 -11.99 21.97
C GLY A 48 -34.91 -11.23 23.14
N SER A 49 -35.26 -11.96 24.21
CA SER A 49 -35.88 -11.35 25.38
C SER A 49 -35.24 -11.76 26.70
N SER A 50 -34.16 -12.53 26.69
CA SER A 50 -33.46 -12.84 27.93
C SER A 50 -33.00 -11.54 28.59
N PRO A 51 -33.18 -11.41 29.91
CA PRO A 51 -32.69 -10.19 30.58
C PRO A 51 -31.19 -10.03 30.51
N LEU A 52 -30.45 -11.15 30.46
CA LEU A 52 -29.00 -11.10 30.32
C LEU A 52 -28.57 -10.24 29.13
N PHE A 53 -29.38 -10.18 28.07
CA PHE A 53 -28.92 -9.63 26.81
C PHE A 53 -29.77 -8.50 26.23
N VAL A 54 -31.00 -8.26 26.71
CA VAL A 54 -31.79 -7.17 26.15
C VAL A 54 -31.07 -5.85 26.42
N GLY A 55 -31.00 -5.00 25.38
CA GLY A 55 -30.25 -3.77 25.46
C GLY A 55 -28.74 -3.92 25.34
N LYS A 56 -28.22 -5.11 25.05
CA LYS A 56 -26.78 -5.29 24.85
C LYS A 56 -26.45 -5.49 23.37
N VAL A 57 -25.20 -5.21 23.03
CA VAL A 57 -24.61 -5.65 21.78
C VAL A 57 -23.54 -6.66 22.10
N ILE A 58 -23.25 -7.51 21.13
CA ILE A 58 -22.10 -8.40 21.20
C ILE A 58 -21.08 -7.92 20.17
N ARG A 59 -19.83 -7.79 20.62
CA ARG A 59 -18.72 -7.34 19.79
C ARG A 59 -17.82 -8.54 19.58
N ILE A 60 -17.65 -8.91 18.32
CA ILE A 60 -16.96 -10.13 17.92
C ILE A 60 -15.78 -9.73 17.04
N GLN A 61 -14.59 -10.16 17.43
CA GLN A 61 -13.37 -9.78 16.72
C GLN A 61 -13.25 -10.51 15.39
N LYS A 62 -12.87 -9.76 14.36
CA LYS A 62 -12.57 -10.34 13.06
C LYS A 62 -11.11 -10.77 13.00
N ALA A 63 -10.82 -11.67 12.06
CA ALA A 63 -9.46 -12.05 11.74
C ALA A 63 -9.15 -11.61 10.33
N ARG A 64 -8.04 -10.88 10.17
CA ARG A 64 -7.55 -10.56 8.84
C ARG A 64 -7.06 -11.85 8.18
N ARG A 65 -7.75 -12.27 7.12
CA ARG A 65 -7.39 -13.50 6.40
C ARG A 65 -5.93 -13.48 5.95
N LYS A 68 -1.53 -13.64 9.84
CA LYS A 68 -0.25 -14.06 10.41
C LYS A 68 -0.33 -14.02 11.93
N ALA A 69 -0.34 -15.20 12.54
CA ALA A 69 -0.51 -15.29 13.99
C ALA A 69 0.78 -14.89 14.72
N ILE A 70 0.61 -14.61 16.01
CA ILE A 70 1.70 -14.34 16.94
C ILE A 70 1.99 -15.61 17.72
N LYS A 71 3.23 -16.05 17.67
CA LYS A 71 3.66 -17.27 18.37
C LYS A 71 4.80 -16.94 19.31
N ASN A 72 4.78 -17.55 20.50
CA ASN A 72 5.90 -17.45 21.41
C ASN A 72 7.06 -18.27 20.85
N SER A 73 8.19 -18.25 21.53
CA SER A 73 9.36 -18.99 21.07
C SER A 73 9.14 -20.51 21.06
N ASN A 74 8.05 -21.00 21.65
CA ASN A 74 7.69 -22.41 21.62
C ASN A 74 6.73 -22.78 20.49
N GLY A 75 6.50 -21.87 19.55
CA GLY A 75 5.50 -22.10 18.52
C GLY A 75 4.07 -22.01 18.99
N VAL A 76 3.83 -21.69 20.26
CA VAL A 76 2.47 -21.55 20.78
C VAL A 76 1.90 -20.20 20.39
N VAL A 77 0.62 -20.18 20.09
CA VAL A 77 -0.05 -18.97 19.62
C VAL A 77 -0.34 -18.07 20.80
N SER A 78 0.02 -16.78 20.68
CA SER A 78 0.17 -15.92 21.83
C SER A 78 -0.57 -14.60 21.61
N VAL A 79 -0.86 -13.93 22.72
CA VAL A 79 -1.63 -12.69 22.68
C VAL A 79 -0.73 -11.47 22.47
N LEU A 80 0.43 -11.44 23.10
CA LEU A 80 1.36 -10.33 22.97
C LEU A 80 2.72 -10.84 22.52
N THR A 81 3.41 -10.06 21.69
CA THR A 81 4.82 -10.36 21.44
C THR A 81 5.64 -10.03 22.69
N SER A 82 6.89 -10.50 22.70
CA SER A 82 7.76 -10.13 23.80
C SER A 82 7.86 -8.62 23.94
N ASP A 83 8.00 -7.92 22.81
CA ASP A 83 8.12 -6.47 22.88
C ASP A 83 6.86 -5.84 23.44
N GLU A 84 5.69 -6.31 23.00
CA GLU A 84 4.46 -5.73 23.55
C GLU A 84 4.33 -6.03 25.03
N GLN A 85 4.65 -7.25 25.47
CA GLN A 85 4.49 -7.54 26.88
C GLN A 85 5.45 -6.69 27.71
N HIS A 86 6.61 -6.32 27.15
CA HIS A 86 7.46 -5.35 27.83
C HIS A 86 6.93 -3.93 27.70
N LEU A 87 6.42 -3.54 26.53
CA LEU A 87 5.91 -2.19 26.35
C LEU A 87 4.82 -1.85 27.37
N TRP A 88 3.92 -2.80 27.66
CA TRP A 88 2.79 -2.59 28.56
C TRP A 88 3.02 -3.19 29.96
N ARG A 89 4.28 -3.42 30.35
CA ARG A 89 4.53 -4.19 31.56
C ARG A 89 4.02 -3.52 32.85
N GLU A 90 3.75 -2.21 32.82
CA GLU A 90 3.35 -1.51 34.03
C GLU A 90 2.09 -2.09 34.64
N ASN A 91 1.28 -2.80 33.86
CA ASN A 91 0.12 -3.49 34.41
C ASN A 91 0.28 -5.00 34.26
N ASN A 92 0.43 -5.69 35.40
CA ASN A 92 0.67 -7.12 35.40
C ASN A 92 -0.49 -7.88 34.77
N GLU A 93 -1.72 -7.58 35.21
CA GLU A 93 -2.87 -8.28 34.66
C GLU A 93 -2.95 -8.10 33.15
N LEU A 94 -2.76 -6.87 32.66
CA LEU A 94 -2.79 -6.61 31.23
C LEU A 94 -1.89 -7.58 30.47
N ILE A 95 -0.60 -7.62 30.80
CA ILE A 95 0.35 -8.41 30.01
C ILE A 95 0.23 -9.90 30.28
N SER A 96 -0.61 -10.31 31.24
CA SER A 96 -0.91 -11.70 31.54
C SER A 96 -2.16 -12.22 30.82
N SER A 97 -2.83 -11.38 30.02
CA SER A 97 -4.13 -11.75 29.46
C SER A 97 -4.03 -13.02 28.63
N PRO A 98 -4.91 -14.01 28.84
CA PRO A 98 -4.85 -15.25 28.07
C PRO A 98 -5.45 -15.15 26.67
N ASN A 99 -6.19 -14.10 26.35
CA ASN A 99 -6.79 -13.98 25.03
C ASN A 99 -7.07 -12.50 24.76
N LYS A 100 -7.43 -12.22 23.51
CA LYS A 100 -7.54 -10.84 23.05
C LYS A 100 -8.75 -10.12 23.64
N GLU A 101 -9.77 -10.85 24.12
CA GLU A 101 -10.90 -10.17 24.77
C GLU A 101 -10.54 -9.73 26.17
N VAL A 102 -9.95 -10.64 26.96
CA VAL A 102 -9.37 -10.28 28.24
C VAL A 102 -8.44 -9.08 28.08
N LEU A 103 -7.53 -9.17 27.11
CA LEU A 103 -6.51 -8.14 26.95
C LEU A 103 -7.14 -6.78 26.68
N GLU A 104 -8.08 -6.73 25.72
CA GLU A 104 -8.74 -5.47 25.45
C GLU A 104 -9.51 -4.98 26.67
N GLN A 105 -10.17 -5.90 27.38
CA GLN A 105 -10.92 -5.52 28.56
C GLN A 105 -10.01 -4.87 29.60
N ARG A 106 -8.83 -5.44 29.82
CA ARG A 106 -7.89 -4.90 30.81
C ARG A 106 -7.16 -3.68 30.29
N TYR A 107 -6.89 -3.61 28.98
CA TYR A 107 -6.37 -2.37 28.41
C TYR A 107 -7.28 -1.18 28.71
N VAL A 108 -8.60 -1.37 28.53
CA VAL A 108 -9.52 -0.27 28.79
C VAL A 108 -9.58 0.05 30.29
N GLN A 109 -9.66 -0.99 31.12
CA GLN A 109 -9.85 -0.76 32.55
C GLN A 109 -8.60 -0.14 33.20
N ASN A 110 -7.40 -0.56 32.76
CA ASN A 110 -6.19 -0.23 33.48
C ASN A 110 -5.27 0.75 32.77
N VAL A 111 -5.57 1.13 31.53
CA VAL A 111 -4.82 2.14 30.80
C VAL A 111 -5.72 3.32 30.39
N ILE A 112 -6.87 3.03 29.82
CA ILE A 112 -7.70 4.11 29.29
C ILE A 112 -8.52 4.78 30.40
N ILE A 113 -9.18 3.98 31.23
CA ILE A 113 -10.06 4.56 32.26
C ILE A 113 -9.30 5.47 33.21
N PRO A 114 -8.09 5.15 33.67
CA PRO A 114 -7.33 6.14 34.46
C PRO A 114 -7.15 7.48 33.74
N LEU A 115 -6.96 7.48 32.42
CA LEU A 115 -6.76 8.74 31.70
C LEU A 115 -8.05 9.42 31.29
N LEU A 116 -9.07 8.65 30.93
CA LEU A 116 -10.34 9.18 30.43
C LEU A 116 -11.41 9.28 31.50
N GLY A 117 -11.33 8.47 32.55
CA GLY A 117 -12.40 8.40 33.52
C GLY A 117 -13.49 7.44 33.09
N PRO A 118 -14.23 6.91 34.06
CA PRO A 118 -15.21 5.86 33.77
C PRO A 118 -16.62 6.33 33.51
N LYS A 119 -16.88 7.65 33.55
CA LYS A 119 -18.25 8.13 33.35
C LYS A 119 -18.77 7.77 31.97
N HIS A 120 -17.88 7.69 30.98
CA HIS A 120 -18.29 7.45 29.60
C HIS A 120 -17.51 6.31 28.97
N VAL A 121 -16.92 5.42 29.77
CA VAL A 121 -16.10 4.32 29.26
C VAL A 121 -16.48 3.04 29.99
N ASP A 122 -16.54 1.95 29.23
CA ASP A 122 -16.96 0.65 29.77
C ASP A 122 -16.08 -0.42 29.14
N ALA A 123 -15.26 -1.07 29.97
CA ALA A 123 -14.45 -2.21 29.52
C ALA A 123 -15.30 -3.35 29.03
N GLY A 124 -16.58 -3.41 29.40
CA GLY A 124 -17.44 -4.46 28.95
C GLY A 124 -17.28 -5.72 29.77
N VAL A 125 -18.03 -6.74 29.38
CA VAL A 125 -18.10 -8.00 30.09
C VAL A 125 -17.95 -9.13 29.07
N ARG A 126 -17.15 -10.14 29.44
CA ARG A 126 -16.87 -11.27 28.55
C ARG A 126 -17.93 -12.36 28.66
N VAL A 127 -18.25 -12.97 27.52
CA VAL A 127 -19.11 -14.13 27.47
C VAL A 127 -18.38 -15.23 26.68
N SER A 128 -18.56 -16.47 27.09
CA SER A 128 -17.99 -17.59 26.35
C SER A 128 -18.83 -17.85 25.10
N VAL A 129 -18.15 -18.20 24.02
CA VAL A 129 -18.80 -18.46 22.74
C VAL A 129 -18.23 -19.76 22.20
N SER A 130 -19.11 -20.60 21.65
CA SER A 130 -18.64 -21.81 21.00
C SER A 130 -18.24 -21.48 19.57
N LYS A 131 -17.32 -22.27 19.03
CA LYS A 131 -16.89 -22.03 17.66
C LYS A 131 -18.07 -22.05 16.70
N GLU A 132 -19.02 -22.94 16.96
CA GLU A 132 -20.20 -23.03 16.10
C GLU A 132 -21.07 -21.79 16.22
N PHE A 133 -21.17 -21.20 17.41
CA PHE A 133 -21.85 -19.91 17.53
C PHE A 133 -21.20 -18.90 16.61
N LEU A 134 -19.86 -18.78 16.69
CA LEU A 134 -19.16 -17.80 15.87
C LEU A 134 -19.37 -18.08 14.38
N GLU A 135 -19.40 -19.36 13.99
CA GLU A 135 -19.57 -19.70 12.58
C GLU A 135 -20.95 -19.32 12.09
N CYS A 136 -21.98 -19.67 12.86
CA CYS A 136 -23.35 -19.36 12.43
C CYS A 136 -23.56 -17.87 12.38
N VAL A 137 -23.00 -17.15 13.34
CA VAL A 137 -23.09 -15.70 13.30
C VAL A 137 -22.48 -15.16 12.02
N ASP A 138 -21.25 -15.60 11.71
CA ASP A 138 -20.58 -15.18 10.48
C ASP A 138 -21.46 -15.47 9.27
N LYS A 139 -22.03 -16.68 9.19
CA LYS A 139 -22.92 -17.00 8.08
C LYS A 139 -24.13 -16.08 8.08
N LYS A 140 -24.77 -15.93 9.24
CA LYS A 140 -26.02 -15.17 9.32
C LYS A 140 -25.88 -13.75 8.75
N VAL A 141 -24.79 -13.04 9.08
CA VAL A 141 -24.72 -11.62 8.77
C VAL A 141 -24.04 -11.30 7.44
N THR A 142 -23.33 -12.26 6.82
CA THR A 142 -22.51 -11.95 5.65
C THR A 142 -23.25 -11.10 4.63
N LYS A 143 -24.51 -11.43 4.37
CA LYS A 143 -25.24 -10.73 3.33
C LYS A 143 -25.56 -9.29 3.71
N GLN A 144 -25.46 -8.91 4.98
CA GLN A 144 -25.65 -7.51 5.36
C GLN A 144 -24.36 -6.72 5.48
N ARG A 145 -23.20 -7.39 5.50
CA ARG A 145 -21.92 -6.70 5.52
C ARG A 145 -21.58 -6.18 4.13
N PRO A 146 -20.81 -5.10 4.05
CA PRO A 146 -20.27 -4.65 2.75
C PRO A 146 -19.35 -5.68 2.11
N LEU A 147 -19.39 -5.77 0.78
CA LEU A 147 -18.53 -6.73 0.09
C LEU A 147 -17.07 -6.55 0.48
N TRP A 148 -16.57 -5.31 0.43
CA TRP A 148 -15.14 -5.14 0.67
C TRP A 148 -14.77 -5.52 2.11
N ARG A 149 -15.65 -5.27 3.07
CA ARG A 149 -15.39 -5.77 4.42
C ARG A 149 -15.31 -7.28 4.43
N VAL A 150 -16.20 -7.95 3.69
CA VAL A 150 -16.19 -9.41 3.62
C VAL A 150 -14.89 -9.90 2.96
N ASN A 151 -14.45 -9.23 1.90
CA ASN A 151 -13.17 -9.59 1.28
C ASN A 151 -12.02 -9.49 2.27
N ALA A 152 -12.03 -8.47 3.11
CA ALA A 152 -10.89 -8.22 4.00
C ALA A 152 -10.88 -9.10 5.24
N ALA A 153 -12.03 -9.49 5.77
CA ALA A 153 -12.00 -10.19 7.05
C ALA A 153 -13.37 -10.79 7.36
N ASN A 154 -13.37 -11.90 8.10
CA ASN A 154 -14.58 -12.53 8.64
C ASN A 154 -14.38 -12.70 10.14
N VAL A 155 -15.38 -13.27 10.83
CA VAL A 155 -15.20 -13.42 12.26
C VAL A 155 -14.12 -14.45 12.51
N ASP A 156 -13.30 -14.19 13.52
CA ASP A 156 -12.24 -15.10 13.94
C ASP A 156 -12.87 -16.23 14.76
N THR A 157 -13.22 -17.33 14.09
CA THR A 157 -13.88 -18.45 14.78
C THR A 157 -12.95 -19.23 15.72
N SER A 158 -11.69 -18.82 15.86
CA SER A 158 -10.79 -19.48 16.78
C SER A 158 -10.82 -18.85 18.17
N HIS A 159 -11.52 -17.74 18.34
CA HIS A 159 -11.71 -17.14 19.66
C HIS A 159 -12.79 -17.89 20.45
N ASP A 160 -12.62 -17.91 21.77
CA ASP A 160 -13.57 -18.53 22.67
C ASP A 160 -14.31 -17.51 23.55
N SER A 161 -14.10 -16.22 23.32
CA SER A 161 -14.81 -15.19 24.07
C SER A 161 -15.27 -14.09 23.12
N ALA A 162 -16.29 -13.36 23.55
CA ALA A 162 -16.67 -12.09 22.96
C ALA A 162 -16.95 -11.10 24.09
N LEU A 163 -17.25 -9.86 23.71
CA LEU A 163 -17.52 -8.78 24.66
C LEU A 163 -18.99 -8.39 24.57
N ILE A 164 -19.65 -8.29 25.72
CA ILE A 164 -21.01 -7.78 25.79
C ILE A 164 -20.95 -6.34 26.26
N LEU A 165 -21.58 -5.45 25.51
CA LEU A 165 -21.63 -4.04 25.86
C LEU A 165 -23.08 -3.60 25.89
N ASN A 166 -23.30 -2.44 26.50
CA ASN A 166 -24.59 -1.79 26.39
C ASN A 166 -24.79 -1.24 25.00
N ASP A 167 -26.00 -1.40 24.47
CA ASP A 167 -26.40 -0.84 23.18
C ASP A 167 -26.72 0.64 23.36
N HIS A 168 -25.74 1.50 23.07
CA HIS A 168 -26.00 2.93 23.22
C HIS A 168 -27.05 3.46 22.26
N SER A 169 -27.67 2.62 21.44
CA SER A 169 -28.76 3.04 20.56
C SER A 169 -30.12 2.97 21.24
N LEU A 170 -30.19 2.59 22.50
CA LEU A 170 -31.42 2.60 23.28
C LEU A 170 -31.11 3.19 24.65
N PHE A 171 -32.18 3.57 25.36
CA PHE A 171 -32.09 4.00 26.75
C PHE A 171 -32.50 2.91 27.73
N SER A 172 -33.17 1.87 27.25
CA SER A 172 -34.15 1.15 28.06
C SER A 172 -33.56 0.67 29.38
N GLN A 173 -34.44 0.61 30.37
CA GLN A 173 -34.15 0.03 31.68
C GLN A 173 -35.31 -0.90 32.03
N SER A 177 -38.39 6.52 31.56
CA SER A 177 -38.69 5.71 30.39
C SER A 177 -38.91 6.56 29.15
N GLY A 178 -39.97 6.27 28.40
CA GLY A 178 -40.29 7.03 27.21
C GLY A 178 -40.43 6.17 25.96
N GLY A 179 -40.32 6.81 24.80
CA GLY A 179 -40.47 6.12 23.53
C GLY A 179 -39.23 6.16 22.65
N ASP A 180 -39.27 6.99 21.60
CA ASP A 180 -38.26 6.95 20.56
C ASP A 180 -36.89 7.35 21.08
N CYS A 181 -35.86 6.67 20.57
CA CYS A 181 -34.47 6.98 20.91
C CYS A 181 -33.72 7.32 19.64
N ILE A 182 -33.14 8.52 19.60
CA ILE A 182 -32.29 8.94 18.49
C ILE A 182 -30.86 8.99 19.01
N SER A 183 -29.99 8.20 18.40
CA SER A 183 -28.60 8.10 18.82
C SER A 183 -27.69 8.47 17.66
N VAL A 184 -26.53 9.04 17.98
CA VAL A 184 -25.58 9.53 16.99
C VAL A 184 -24.19 8.99 17.30
N GLU A 185 -23.47 8.60 16.26
CA GLU A 185 -22.09 8.16 16.39
C GLU A 185 -21.19 9.15 15.68
N ILE A 186 -20.19 9.67 16.40
CA ILE A 186 -19.17 10.54 15.82
C ILE A 186 -17.84 9.82 15.95
N LYS A 187 -17.14 9.64 14.83
CA LYS A 187 -15.76 9.16 14.80
C LYS A 187 -14.86 10.37 14.56
N PRO A 188 -14.41 11.04 15.63
CA PRO A 188 -13.86 12.40 15.46
C PRO A 188 -12.47 12.45 14.85
N LYS A 189 -11.69 11.37 14.94
CA LYS A 189 -10.32 11.35 14.46
C LYS A 189 -9.50 12.41 15.19
N CYS A 190 -8.32 12.74 14.67
CA CYS A 190 -7.32 13.48 15.44
C CYS A 190 -7.58 14.97 15.34
N GLY A 191 -7.76 15.62 16.50
CA GLY A 191 -8.12 17.03 16.54
C GLY A 191 -7.02 18.00 16.94
N PHE A 192 -5.78 17.80 16.48
CA PHE A 192 -4.73 18.79 16.69
C PHE A 192 -3.69 18.65 15.59
N LEU A 193 -2.87 19.66 15.46
CA LEU A 193 -1.75 19.70 14.52
C LEU A 193 -0.43 19.44 15.26
N PRO A 194 0.49 18.65 14.71
CA PRO A 194 1.76 18.41 15.42
C PRO A 194 2.67 19.63 15.37
N THR A 195 3.67 19.62 16.25
CA THR A 195 4.68 20.68 16.29
C THR A 195 6.10 20.11 16.42
N SER A 196 6.26 18.82 16.18
CA SER A 196 7.50 18.11 16.50
C SER A 196 8.73 18.74 15.83
N ARG A 197 9.84 18.74 16.57
CA ARG A 197 11.15 19.03 16.01
C ARG A 197 11.56 18.07 14.91
N PHE A 198 10.83 16.97 14.75
CA PHE A 198 11.28 15.86 13.91
C PHE A 198 10.55 15.80 12.57
N ILE A 199 9.71 16.80 12.30
CA ILE A 199 9.08 16.96 11.00
C ILE A 199 10.02 17.79 10.14
N GLY A 200 10.59 17.17 9.11
CA GLY A 200 11.49 17.87 8.22
C GLY A 200 10.82 19.07 7.56
N LYS A 201 11.68 19.88 6.93
CA LYS A 201 11.18 21.08 6.27
C LYS A 201 10.27 20.72 5.11
N GLU A 202 10.59 19.66 4.36
CA GLU A 202 9.79 19.37 3.18
C GLU A 202 8.38 18.91 3.56
N ASN A 203 8.16 18.53 4.82
CA ASN A 203 6.84 18.05 5.26
C ASN A 203 6.09 19.08 6.10
N MET A 204 6.55 20.32 6.13
CA MET A 204 6.09 21.23 7.17
C MET A 204 4.60 21.55 7.04
N LEU A 205 3.97 21.29 5.89
CA LEU A 205 2.52 21.39 5.82
C LEU A 205 1.80 20.49 6.84
N LYS A 206 2.49 19.48 7.38
CA LYS A 206 1.89 18.67 8.44
C LYS A 206 1.63 19.50 9.68
N THR A 207 2.30 20.64 9.83
CA THR A 207 2.09 21.52 10.96
C THR A 207 1.01 22.56 10.73
N SER A 208 0.49 22.70 9.51
CA SER A 208 -0.58 23.65 9.22
C SER A 208 -1.86 23.02 8.69
N VAL A 209 -1.82 21.76 8.25
CA VAL A 209 -2.95 21.08 7.63
C VAL A 209 -3.17 19.75 8.36
N SER A 210 -4.40 19.51 8.78
CA SER A 210 -4.69 18.35 9.61
C SER A 210 -4.51 17.06 8.83
N ARG A 211 -3.93 16.05 9.51
CA ARG A 211 -3.88 14.70 8.97
C ARG A 211 -5.19 14.30 8.31
N PHE A 212 -6.33 14.59 8.94
CA PHE A 212 -7.60 14.17 8.34
C PHE A 212 -7.81 14.85 6.98
N LYS A 213 -7.56 16.15 6.91
CA LYS A 213 -7.69 16.82 5.63
C LYS A 213 -6.81 16.16 4.58
N MET A 214 -5.51 15.98 4.89
CA MET A 214 -4.57 15.45 3.91
C MET A 214 -4.89 14.02 3.53
N HIS A 215 -5.29 13.19 4.50
CA HIS A 215 -5.64 11.82 4.18
C HIS A 215 -6.83 11.77 3.24
N GLN A 216 -7.73 12.75 3.33
CA GLN A 216 -8.86 12.79 2.39
C GLN A 216 -8.39 12.65 0.95
N LEU A 217 -7.37 13.41 0.57
CA LEU A 217 -6.89 13.37 -0.81
C LEU A 217 -6.44 11.95 -1.18
N LEU A 218 -5.64 11.35 -0.33
CA LEU A 218 -5.17 9.99 -0.59
C LEU A 218 -6.33 9.00 -0.63
N LYS A 219 -7.30 9.15 0.28
CA LYS A 219 -8.46 8.27 0.24
C LYS A 219 -9.17 8.35 -1.10
N LEU A 220 -9.26 9.56 -1.67
CA LEU A 220 -9.90 9.72 -2.97
C LEU A 220 -9.13 8.97 -4.04
N GLU A 221 -7.79 9.07 -4.01
CA GLU A 221 -6.98 8.39 -5.01
C GLU A 221 -7.22 6.89 -5.01
N TYR A 222 -7.53 6.30 -3.85
CA TYR A 222 -7.73 4.86 -3.75
C TYR A 222 -9.21 4.47 -3.80
N ILE A 223 -10.08 5.42 -4.15
CA ILE A 223 -11.49 5.15 -4.40
C ILE A 223 -12.13 4.64 -3.12
N GLU A 224 -11.60 5.09 -1.99
CA GLU A 224 -12.13 4.76 -0.66
C GLU A 224 -13.21 5.75 -0.21
N ILE A 225 -13.39 6.86 -0.92
CA ILE A 225 -14.47 7.81 -0.64
C ILE A 225 -14.94 8.41 -1.96
N SER A 226 -16.19 8.87 -1.99
CA SER A 226 -16.75 9.42 -3.21
C SER A 226 -16.36 10.88 -3.41
N GLU A 227 -16.12 11.61 -2.32
CA GLU A 227 -15.90 13.05 -2.35
C GLU A 227 -15.15 13.45 -1.09
N GLU A 228 -14.47 14.59 -1.15
CA GLU A 228 -13.74 15.07 0.01
C GLU A 228 -14.73 15.51 1.10
N SER A 229 -14.42 15.15 2.33
CA SER A 229 -15.28 15.52 3.45
C SER A 229 -15.21 17.00 3.71
N GLU A 230 -16.34 17.58 4.10
CA GLU A 230 -16.30 18.96 4.58
C GLU A 230 -15.93 19.05 6.04
N TYR A 231 -15.80 17.90 6.72
CA TYR A 231 -15.55 17.86 8.16
C TYR A 231 -14.11 18.25 8.47
N ASP A 232 -13.95 19.01 9.55
CA ASP A 232 -12.63 19.43 10.02
C ASP A 232 -12.54 19.15 11.52
N PRO A 233 -11.78 18.14 11.93
CA PRO A 233 -11.70 17.83 13.37
C PRO A 233 -11.24 19.00 14.20
N LEU A 234 -10.42 19.90 13.64
CA LEU A 234 -9.98 21.06 14.40
C LEU A 234 -11.17 21.91 14.85
N ASP A 235 -12.24 21.97 14.06
CA ASP A 235 -13.45 22.64 14.50
C ASP A 235 -14.08 21.89 15.67
N LEU A 236 -14.25 20.57 15.53
CA LEU A 236 -14.92 19.80 16.56
C LEU A 236 -14.17 19.84 17.90
N PHE A 237 -12.85 19.90 17.87
CA PHE A 237 -12.04 19.87 19.07
C PHE A 237 -11.61 21.25 19.53
N SER A 238 -12.21 22.31 18.99
CA SER A 238 -11.80 23.68 19.27
C SER A 238 -12.28 24.17 20.61
N GLY A 239 -13.19 23.45 21.26
CA GLY A 239 -13.84 23.98 22.44
C GLY A 239 -14.70 25.19 22.20
N SER A 240 -14.88 25.62 20.94
CA SER A 240 -15.75 26.74 20.59
C SER A 240 -17.07 26.21 20.03
N LYS A 241 -18.18 26.64 20.63
CA LYS A 241 -19.45 26.02 20.25
C LYS A 241 -19.85 26.37 18.82
N GLU A 242 -19.46 27.53 18.32
CA GLU A 242 -19.70 27.84 16.91
C GLU A 242 -19.04 26.81 16.01
N ARG A 243 -17.77 26.50 16.27
CA ARG A 243 -17.03 25.57 15.43
C ARG A 243 -17.53 24.14 15.61
N VAL A 244 -17.93 23.78 16.84
CA VAL A 244 -18.48 22.45 17.06
C VAL A 244 -19.71 22.23 16.20
N LEU A 245 -20.64 23.18 16.22
CA LEU A 245 -21.86 23.06 15.40
C LEU A 245 -21.52 23.07 13.92
N GLU A 246 -20.65 23.99 13.49
CA GLU A 246 -20.16 23.95 12.12
C GLU A 246 -19.67 22.55 11.77
N ALA A 247 -18.91 21.93 12.67
CA ALA A 247 -18.43 20.57 12.45
C ALA A 247 -19.58 19.58 12.35
N ILE A 248 -20.57 19.70 13.23
CA ILE A 248 -21.73 18.81 13.12
C ILE A 248 -22.41 18.99 11.78
N LYS A 249 -22.46 20.25 11.29
CA LYS A 249 -23.11 20.50 10.00
C LYS A 249 -22.34 19.84 8.85
N ALA A 250 -21.01 19.90 8.91
CA ALA A 250 -20.20 19.25 7.88
C ALA A 250 -20.33 17.74 7.95
N LEU A 251 -20.28 17.18 9.16
CA LEU A 251 -20.48 15.75 9.32
C LEU A 251 -21.81 15.31 8.72
N TYR A 252 -22.86 16.11 8.91
CA TYR A 252 -24.15 15.81 8.29
C TYR A 252 -24.05 15.84 6.77
N SER A 253 -23.37 16.84 6.21
CA SER A 253 -23.27 16.98 4.76
C SER A 253 -22.51 15.82 4.15
N THR A 254 -21.36 15.47 4.71
CA THR A 254 -20.50 14.43 4.16
C THR A 254 -20.16 13.49 5.31
N PRO A 255 -21.05 12.52 5.57
CA PRO A 255 -20.84 11.64 6.74
C PRO A 255 -19.59 10.77 6.63
N GLN A 256 -19.30 10.22 5.45
CA GLN A 256 -18.23 9.24 5.22
C GLN A 256 -18.36 8.18 6.30
N ASN A 257 -17.32 7.86 7.06
CA ASN A 257 -17.44 6.90 8.14
C ASN A 257 -17.31 7.57 9.51
N ASN A 258 -17.57 8.87 9.57
CA ASN A 258 -17.42 9.64 10.78
C ASN A 258 -18.73 9.99 11.47
N PHE A 259 -19.89 9.74 10.86
CA PHE A 259 -21.17 10.20 11.41
C PHE A 259 -22.27 9.22 11.05
N ARG A 260 -23.02 8.80 12.07
CA ARG A 260 -24.16 7.92 11.90
C ARG A 260 -25.27 8.36 12.83
N VAL A 261 -26.50 8.07 12.44
CA VAL A 261 -27.68 8.39 13.22
C VAL A 261 -28.62 7.19 13.18
N PHE A 262 -29.06 6.76 14.35
CA PHE A 262 -29.94 5.62 14.50
C PHE A 262 -31.25 6.06 15.14
N LEU A 263 -32.36 5.58 14.59
CA LEU A 263 -33.68 5.70 15.21
C LEU A 263 -34.02 4.35 15.82
N ASN A 264 -34.13 4.31 17.14
CA ASN A 264 -34.37 3.06 17.86
C ASN A 264 -33.45 1.98 17.34
N GLY A 265 -32.19 2.35 17.15
CA GLY A 265 -31.17 1.39 16.75
C GLY A 265 -31.12 1.08 15.28
N SER A 266 -31.74 1.89 14.43
CA SER A 266 -31.85 1.56 13.01
C SER A 266 -31.27 2.70 12.19
N LEU A 267 -30.28 2.40 11.36
CA LEU A 267 -29.63 3.43 10.57
C LEU A 267 -30.66 4.29 9.85
N ILE A 268 -30.55 5.60 10.04
CA ILE A 268 -31.29 6.56 9.22
C ILE A 268 -30.39 7.58 8.56
N LEU A 269 -29.10 7.57 8.87
CA LEU A 269 -28.10 8.39 8.19
C LEU A 269 -26.75 7.75 8.41
N GLY A 270 -25.91 7.75 7.37
CA GLY A 270 -24.60 7.14 7.45
C GLY A 270 -24.57 5.77 6.80
N GLY A 271 -23.39 5.15 6.86
CA GLY A 271 -23.15 3.88 6.20
C GLY A 271 -23.19 2.70 7.16
N SER A 272 -23.57 1.55 6.62
CA SER A 272 -23.65 0.33 7.42
C SER A 272 -22.32 -0.40 7.32
N GLY A 273 -21.43 -0.14 8.27
CA GLY A 273 -20.14 -0.80 8.30
C GLY A 273 -19.13 -0.20 7.36
N GLU A 274 -19.32 1.03 6.91
CA GLU A 274 -18.45 1.62 5.90
C GLU A 274 -18.81 3.10 5.78
N SER A 275 -18.09 3.80 4.91
CA SER A 275 -18.47 5.16 4.59
C SER A 275 -19.72 5.17 3.73
N THR A 276 -20.40 6.30 3.72
CA THR A 276 -21.43 6.57 2.74
C THR A 276 -21.09 7.87 2.02
N GLY A 277 -21.71 8.08 0.87
CA GLY A 277 -21.52 9.30 0.12
C GLY A 277 -22.25 10.49 0.73
N ARG A 278 -22.03 11.65 0.09
CA ARG A 278 -22.62 12.90 0.54
C ARG A 278 -24.12 12.79 0.68
N THR A 279 -24.65 13.53 1.66
CA THR A 279 -26.09 13.67 1.83
C THR A 279 -26.70 14.46 0.69
N SER A 280 -27.52 13.81 -0.09
CA SER A 280 -28.22 14.48 -1.17
C SER A 280 -29.59 14.95 -0.70
N PRO A 281 -30.16 15.98 -1.37
CA PRO A 281 -31.50 16.45 -0.96
C PRO A 281 -32.48 15.32 -0.78
N GLU A 282 -32.38 14.26 -1.60
CA GLU A 282 -33.23 13.09 -1.39
C GLU A 282 -32.95 12.47 -0.03
N ILE A 283 -31.69 12.22 0.27
CA ILE A 283 -31.33 11.63 1.56
C ILE A 283 -31.66 12.58 2.71
N GLY A 284 -31.56 13.89 2.46
CA GLY A 284 -31.94 14.85 3.48
C GLY A 284 -33.43 14.89 3.74
N TYR A 285 -34.22 14.90 2.66
CA TYR A 285 -35.67 14.79 2.79
C TYR A 285 -36.05 13.53 3.56
N ALA A 286 -35.46 12.40 3.20
CA ALA A 286 -35.72 11.15 3.91
C ALA A 286 -35.41 11.30 5.40
N PHE A 287 -34.32 11.98 5.74
CA PHE A 287 -33.93 12.16 7.13
C PHE A 287 -34.90 13.09 7.85
N GLU A 288 -35.12 14.28 7.29
CA GLU A 288 -36.07 15.25 7.80
C GLU A 288 -37.37 14.56 8.23
N ASP A 289 -37.88 13.64 7.41
CA ASP A 289 -39.11 12.94 7.77
C ASP A 289 -38.90 11.99 8.95
N ALA A 290 -37.80 11.25 8.94
CA ALA A 290 -37.55 10.29 10.02
C ALA A 290 -37.51 10.94 11.39
N LEU A 291 -37.21 12.24 11.46
CA LEU A 291 -37.27 12.95 12.73
C LEU A 291 -38.69 13.40 13.10
N LYS A 292 -39.68 13.12 12.26
CA LYS A 292 -41.06 13.50 12.56
C LYS A 292 -41.46 12.98 13.93
N GLY A 293 -41.96 13.88 14.77
CA GLY A 293 -42.40 13.53 16.10
C GLY A 293 -41.31 13.56 17.15
N PHE A 294 -40.06 13.25 16.79
CA PHE A 294 -38.98 13.38 17.76
C PHE A 294 -38.61 14.84 17.98
N ILE A 295 -38.39 15.59 16.90
CA ILE A 295 -38.09 17.02 16.98
C ILE A 295 -39.39 17.76 16.65
N GLN A 296 -40.15 18.13 17.69
CA GLN A 296 -41.33 18.94 17.45
C GLN A 296 -40.89 20.25 16.81
N SER A 297 -41.18 20.43 15.54
CA SER A 297 -40.72 21.60 14.80
C SER A 297 -41.53 21.69 13.52
N GLU A 298 -41.20 22.68 12.70
CA GLU A 298 -41.90 22.87 11.43
C GLU A 298 -41.64 21.69 10.50
N ASP A 299 -41.44 21.96 9.22
CA ASP A 299 -41.32 20.89 8.23
C ASP A 299 -39.90 20.74 7.70
N GLY A 300 -39.32 21.80 7.16
CA GLY A 300 -37.94 21.74 6.71
C GLY A 300 -36.98 22.23 7.77
N HIS A 301 -37.40 22.14 9.04
CA HIS A 301 -36.62 22.69 10.14
C HIS A 301 -36.21 21.67 11.21
N ARG A 302 -36.74 20.45 11.16
CA ARG A 302 -36.39 19.47 12.19
C ARG A 302 -34.91 19.09 12.11
N THR A 303 -34.35 19.05 10.91
CA THR A 303 -32.94 18.74 10.74
C THR A 303 -32.06 19.82 11.39
N GLU A 304 -32.34 21.08 11.08
CA GLU A 304 -31.61 22.18 11.70
C GLU A 304 -31.59 22.06 13.22
N CYS A 305 -32.73 21.67 13.82
CA CYS A 305 -32.82 21.58 15.27
C CYS A 305 -32.07 20.36 15.80
N PHE A 306 -32.15 19.24 15.11
CA PHE A 306 -31.42 18.05 15.54
C PHE A 306 -29.92 18.31 15.54
N LEU A 307 -29.41 18.90 14.47
CA LEU A 307 -27.99 19.22 14.42
C LEU A 307 -27.58 20.13 15.58
N GLN A 308 -28.42 21.12 15.90
CA GLN A 308 -28.19 21.96 17.08
C GLN A 308 -28.19 21.13 18.34
N LEU A 309 -29.16 20.23 18.48
CA LEU A 309 -29.23 19.34 19.64
C LEU A 309 -27.93 18.56 19.83
N VAL A 310 -27.45 17.91 18.75
CA VAL A 310 -26.22 17.12 18.82
C VAL A 310 -25.02 17.99 19.16
N SER A 311 -24.91 19.16 18.55
CA SER A 311 -23.82 20.06 18.87
C SER A 311 -23.84 20.45 20.35
N ASP A 312 -25.02 20.78 20.88
CA ASP A 312 -25.12 21.22 22.27
C ASP A 312 -24.82 20.09 23.25
N ALA A 313 -25.26 18.87 22.93
CA ALA A 313 -24.98 17.74 23.82
C ALA A 313 -23.49 17.44 23.87
N VAL A 314 -22.86 17.34 22.70
CA VAL A 314 -21.42 17.04 22.66
C VAL A 314 -20.63 18.13 23.38
N TYR A 315 -20.91 19.39 23.05
CA TYR A 315 -20.20 20.49 23.71
C TYR A 315 -20.45 20.48 25.21
N GLY A 316 -21.70 20.27 25.62
CA GLY A 316 -22.02 20.36 27.03
C GLY A 316 -21.43 19.26 27.87
N SER A 317 -21.05 18.15 27.26
CA SER A 317 -20.56 17.01 28.02
C SER A 317 -19.06 17.11 28.31
N GLY A 318 -18.35 17.99 27.61
CA GLY A 318 -16.90 18.13 27.72
C GLY A 318 -16.11 16.89 27.36
N VAL A 319 -16.73 15.89 26.72
CA VAL A 319 -15.99 14.65 26.48
C VAL A 319 -14.86 14.86 25.48
N LEU A 320 -15.01 15.81 24.54
CA LEU A 320 -14.01 15.99 23.50
C LEU A 320 -12.68 16.46 24.08
N ASP A 321 -12.74 17.27 25.14
CA ASP A 321 -11.53 17.84 25.71
C ASP A 321 -10.71 16.78 26.42
N ARG A 322 -11.37 15.89 27.15
CA ARG A 322 -10.64 14.79 27.78
C ARG A 322 -10.06 13.88 26.72
N LEU A 323 -10.78 13.64 25.63
CA LEU A 323 -10.27 12.79 24.56
C LEU A 323 -9.07 13.43 23.88
N LEU A 324 -9.14 14.75 23.63
CA LEU A 324 -8.05 15.45 22.96
C LEU A 324 -6.75 15.32 23.74
N GLU A 325 -6.82 15.24 25.06
CA GLU A 325 -5.59 15.19 25.85
C GLU A 325 -4.92 13.83 25.74
N ILE A 326 -5.68 12.78 25.45
CA ILE A 326 -5.08 11.48 25.18
C ILE A 326 -4.48 11.44 23.79
N GLN A 327 -5.14 12.08 22.82
CA GLN A 327 -4.59 12.13 21.47
C GLN A 327 -3.27 12.88 21.43
N LYS A 328 -3.13 13.89 22.29
CA LYS A 328 -1.88 14.60 22.39
C LYS A 328 -0.80 13.82 23.13
N LEU A 329 -1.05 12.58 23.57
CA LEU A 329 0.09 11.83 24.08
C LEU A 329 1.04 11.47 22.95
N ASP A 330 0.60 11.59 21.70
CA ASP A 330 1.48 11.61 20.54
C ASP A 330 2.21 12.95 20.53
N LYS A 331 3.32 13.05 21.25
CA LYS A 331 3.99 14.32 21.44
C LYS A 331 5.04 14.62 20.37
N LEU A 332 5.59 13.59 19.73
CA LEU A 332 6.70 13.77 18.80
C LEU A 332 6.28 13.48 17.37
N ASP A 333 5.02 13.11 17.16
CA ASP A 333 4.55 12.69 15.84
C ASP A 333 5.22 11.38 15.44
N ILE A 334 4.59 10.63 14.54
CA ILE A 334 5.16 9.40 14.02
C ILE A 334 6.57 9.64 13.49
N GLU A 335 6.86 10.86 13.04
CA GLU A 335 8.20 11.07 12.49
C GLU A 335 9.28 11.12 13.56
N GLY A 336 8.92 11.35 14.81
CA GLY A 336 9.88 11.20 15.89
C GLY A 336 9.72 9.82 16.53
N ALA A 337 8.46 9.39 16.68
CA ALA A 337 8.17 8.18 17.44
C ALA A 337 8.83 6.97 16.81
N ILE A 338 8.90 6.93 15.47
CA ILE A 338 9.37 5.75 14.76
C ILE A 338 10.82 5.43 15.11
N HIS A 339 11.61 6.44 15.47
CA HIS A 339 13.01 6.21 15.82
C HIS A 339 13.11 5.49 17.15
N CYS A 340 12.26 5.84 18.10
CA CYS A 340 12.19 5.08 19.34
C CYS A 340 11.73 3.65 19.11
N TYR A 341 10.86 3.44 18.13
CA TYR A 341 10.41 2.09 17.82
C TYR A 341 11.59 1.21 17.43
N TYR A 342 12.41 1.68 16.48
CA TYR A 342 13.53 0.85 16.06
C TYR A 342 14.51 0.60 17.20
N ASP A 343 14.67 1.54 18.14
CA ASP A 343 15.46 1.21 19.33
C ASP A 343 14.75 0.19 20.21
N ILE A 344 13.44 0.33 20.37
CA ILE A 344 12.67 -0.60 21.19
C ILE A 344 12.84 -2.04 20.74
N ILE A 345 12.75 -2.30 19.42
CA ILE A 345 12.82 -3.65 18.90
C ILE A 345 14.24 -4.05 18.54
N ASN A 346 15.23 -3.23 18.90
CA ASN A 346 16.63 -3.60 18.73
C ASN A 346 16.96 -3.82 17.25
N GLN A 347 16.51 -2.92 16.39
CA GLN A 347 16.86 -3.04 15.00
C GLN A 347 17.56 -1.77 14.54
N PRO A 348 18.54 -1.87 13.64
CA PRO A 348 19.15 -0.65 13.12
C PRO A 348 18.11 0.23 12.43
N CYS A 349 18.16 1.51 12.73
CA CYS A 349 17.12 2.40 12.26
C CYS A 349 17.21 2.59 10.74
N PRO A 350 16.17 2.23 9.99
CA PRO A 350 16.20 2.48 8.54
C PRO A 350 15.85 3.90 8.17
N ILE A 351 15.26 4.67 9.09
CA ILE A 351 14.93 6.06 8.79
C ILE A 351 16.20 6.90 8.72
N CYS A 352 17.05 6.82 9.74
CA CYS A 352 18.30 7.56 9.79
C CYS A 352 19.24 7.05 8.69
N LYS A 353 19.49 7.88 7.67
CA LYS A 353 20.49 7.57 6.64
C LYS A 353 21.24 8.84 6.22
N GLU A 359 22.85 13.71 10.41
CA GLU A 359 22.03 14.15 9.29
C GLU A 359 20.54 14.23 9.68
N ALA A 360 20.14 13.49 10.72
CA ALA A 360 18.79 13.54 11.27
C ALA A 360 18.85 13.89 12.75
N GLU A 361 17.71 14.37 13.29
CA GLU A 361 17.66 14.82 14.68
C GLU A 361 17.98 13.72 15.69
N LEU A 362 17.83 12.44 15.31
CA LEU A 362 18.56 11.32 15.92
C LEU A 362 18.56 11.28 17.46
N SER A 363 19.12 12.31 18.11
CA SER A 363 19.09 12.51 19.57
C SER A 363 18.05 11.69 20.33
N LEU A 364 16.92 11.38 19.68
CA LEU A 364 16.04 10.33 20.17
C LEU A 364 16.82 9.04 20.43
N HIS A 365 17.69 8.65 19.49
CA HIS A 365 18.43 7.39 19.59
C HIS A 365 19.42 7.36 20.77
N ALA A 366 19.76 8.52 21.33
CA ALA A 366 20.58 8.63 22.54
C ALA A 366 19.76 8.52 23.82
N LEU A 367 18.44 8.42 23.73
CA LEU A 367 17.61 8.34 24.92
C LEU A 367 17.83 7.01 25.63
N PRO A 368 17.61 6.98 26.94
CA PRO A 368 17.59 5.70 27.67
C PRO A 368 16.40 4.85 27.23
N LEU A 369 16.53 3.54 27.46
CA LEU A 369 15.50 2.60 27.05
C LEU A 369 14.12 3.04 27.55
N ASP A 370 13.98 3.28 28.86
CA ASP A 370 12.66 3.54 29.42
C ASP A 370 12.02 4.78 28.81
N GLU A 371 12.83 5.74 28.38
CA GLU A 371 12.27 6.91 27.70
C GLU A 371 11.79 6.57 26.31
N SER A 372 12.54 5.73 25.57
CA SER A 372 12.03 5.26 24.27
C SER A 372 10.78 4.43 24.46
N LEU A 373 10.72 3.63 25.52
CA LEU A 373 9.54 2.82 25.77
C LEU A 373 8.33 3.70 26.04
N LYS A 374 8.49 4.72 26.90
CA LYS A 374 7.35 5.56 27.24
C LYS A 374 6.85 6.32 26.01
N ILE A 375 7.74 6.72 25.11
CA ILE A 375 7.31 7.47 23.94
C ILE A 375 6.45 6.61 23.02
N VAL A 376 6.90 5.39 22.74
CA VAL A 376 6.10 4.54 21.86
C VAL A 376 4.81 4.13 22.54
N LYS A 377 4.88 3.75 23.82
CA LYS A 377 3.65 3.40 24.54
C LYS A 377 2.65 4.54 24.45
N GLU A 378 3.07 5.74 24.80
CA GLU A 378 2.15 6.87 24.73
C GLU A 378 1.66 7.08 23.29
N TYR A 379 2.50 6.80 22.30
CA TYR A 379 2.06 6.93 20.91
C TYR A 379 0.89 6.00 20.60
N LEU A 380 0.98 4.74 21.05
CA LEU A 380 -0.09 3.77 20.78
C LEU A 380 -1.38 4.09 21.55
N ILE A 381 -1.26 4.64 22.76
CA ILE A 381 -2.45 5.07 23.50
C ILE A 381 -3.13 6.21 22.76
N ALA A 382 -2.36 7.23 22.38
CA ALA A 382 -2.85 8.27 21.50
C ALA A 382 -3.52 7.68 20.27
N ALA A 383 -2.92 6.64 19.67
CA ALA A 383 -3.50 6.04 18.46
C ALA A 383 -4.86 5.43 18.75
N THR A 384 -5.05 4.88 19.95
CA THR A 384 -6.38 4.44 20.36
C THR A 384 -7.36 5.61 20.36
N ALA A 385 -6.94 6.74 20.95
CA ALA A 385 -7.81 7.90 21.07
C ALA A 385 -8.16 8.50 19.73
N LYS A 386 -7.29 8.34 18.72
CA LYS A 386 -7.56 8.85 17.38
C LYS A 386 -8.54 7.99 16.60
N ASP A 387 -8.86 6.79 17.05
CA ASP A 387 -9.72 5.93 16.24
C ASP A 387 -10.97 5.49 16.98
N CYS A 388 -11.22 6.04 18.17
CA CYS A 388 -12.39 5.69 18.95
C CYS A 388 -13.60 6.45 18.43
N SER A 389 -14.76 6.09 18.95
CA SER A 389 -16.00 6.72 18.56
C SER A 389 -16.76 7.23 19.78
N ILE A 390 -17.68 8.14 19.51
CA ILE A 390 -18.51 8.75 20.53
C ILE A 390 -19.95 8.52 20.14
N MET A 391 -20.73 7.98 21.08
CA MET A 391 -22.14 7.72 20.83
C MET A 391 -22.97 8.55 21.81
N ILE A 392 -23.87 9.36 21.27
CA ILE A 392 -24.74 10.23 22.06
C ILE A 392 -26.17 9.74 21.88
N SER A 393 -26.83 9.43 22.99
CA SER A 393 -28.17 8.89 22.98
C SER A 393 -29.17 9.95 23.44
N PHE A 394 -30.31 10.01 22.77
CA PHE A 394 -31.33 11.02 22.98
C PHE A 394 -32.70 10.39 23.16
N GLN A 395 -33.45 10.90 24.13
CA GLN A 395 -34.87 10.62 24.23
C GLN A 395 -35.56 11.85 24.83
N SER A 396 -36.73 12.20 24.30
CA SER A 396 -37.47 13.34 24.83
C SER A 396 -37.67 13.16 26.33
N ARG A 397 -37.67 14.28 27.04
CA ARG A 397 -37.59 14.31 28.51
C ARG A 397 -38.89 13.91 29.22
N ASP A 407 -28.48 14.70 32.96
CA ASP A 407 -27.98 15.43 31.80
C ASP A 407 -29.08 15.64 30.77
N TYR A 408 -29.21 16.88 30.30
CA TYR A 408 -30.26 17.19 29.34
C TYR A 408 -29.88 18.43 28.56
N VAL A 409 -30.43 18.53 27.36
CA VAL A 409 -30.28 19.68 26.50
C VAL A 409 -31.67 20.18 26.13
N SER A 410 -31.83 21.49 26.11
CA SER A 410 -33.11 22.12 25.81
C SER A 410 -32.98 22.95 24.54
N LEU A 411 -33.91 22.77 23.62
CA LEU A 411 -33.92 23.56 22.40
C LEU A 411 -34.55 24.92 22.67
N LYS A 412 -33.92 25.96 22.13
CA LYS A 412 -34.36 27.34 22.31
C LYS A 412 -35.58 27.65 21.44
N PRO A 413 -35.63 27.15 20.19
CA PRO A 413 -36.85 27.34 19.38
C PRO A 413 -38.02 26.53 19.90
N THR A 414 -37.90 25.20 19.79
CA THR A 414 -39.00 24.32 20.12
C THR A 414 -39.31 24.30 21.62
N ASN A 415 -38.28 24.47 22.46
CA ASN A 415 -38.42 24.51 23.91
C ASN A 415 -38.66 23.14 24.52
N GLN A 416 -38.39 22.07 23.78
CA GLN A 416 -38.47 20.75 24.38
C GLN A 416 -37.16 20.43 25.09
N THR A 417 -37.26 19.56 26.08
CA THR A 417 -36.10 19.07 26.79
C THR A 417 -35.83 17.63 26.34
N PHE A 418 -34.54 17.33 26.16
CA PHE A 418 -34.08 16.02 25.75
C PHE A 418 -33.12 15.48 26.80
N ASP A 419 -33.33 14.23 27.21
CA ASP A 419 -32.32 13.51 27.96
C ASP A 419 -31.26 13.00 27.00
N TYR A 420 -30.00 12.96 27.46
CA TYR A 420 -28.92 12.41 26.64
C TYR A 420 -27.86 11.75 27.52
N LYS A 421 -27.25 10.71 26.98
CA LYS A 421 -26.04 10.11 27.54
C LYS A 421 -24.97 10.05 26.45
N VAL A 422 -23.72 10.13 26.88
CA VAL A 422 -22.57 10.09 25.98
C VAL A 422 -21.69 8.92 26.38
N HIS A 423 -21.16 8.21 25.38
CA HIS A 423 -20.37 7.02 25.64
C HIS A 423 -19.24 6.89 24.63
N PHE A 424 -18.07 6.53 25.12
CA PHE A 424 -16.97 6.19 24.23
C PHE A 424 -17.13 4.73 23.83
N ILE A 425 -16.79 4.43 22.58
CA ILE A 425 -16.70 3.05 22.13
C ILE A 425 -15.37 2.91 21.39
N ASP A 426 -14.92 1.66 21.26
CA ASP A 426 -13.80 1.32 20.40
C ASP A 426 -12.51 1.97 20.89
N LEU A 427 -12.11 1.57 22.09
CA LEU A 427 -10.81 1.93 22.63
C LEU A 427 -9.85 0.74 22.53
N SER A 428 -9.66 0.26 21.30
CA SER A 428 -8.85 -0.92 21.09
C SER A 428 -7.35 -0.63 21.29
N LEU A 429 -6.67 -1.60 21.86
CA LEU A 429 -5.21 -1.55 21.95
C LEU A 429 -4.59 -1.74 20.57
N LYS A 430 -3.54 -0.98 20.29
CA LYS A 430 -3.01 -1.07 18.95
C LYS A 430 -1.73 -1.89 18.93
N PRO A 431 -1.55 -2.76 17.93
CA PRO A 431 -0.34 -3.59 17.89
C PRO A 431 0.92 -2.79 17.63
N LEU A 432 1.98 -3.16 18.34
CA LEU A 432 3.23 -2.42 18.28
C LEU A 432 3.86 -2.45 16.89
N LYS A 433 3.74 -3.58 16.18
CA LYS A 433 4.38 -3.67 14.86
C LYS A 433 3.79 -2.70 13.86
N ARG A 434 2.57 -2.21 14.09
CA ARG A 434 1.93 -1.25 13.22
C ARG A 434 2.64 0.11 13.18
N MET A 435 3.55 0.40 14.13
CA MET A 435 4.42 1.58 14.00
C MET A 435 4.97 1.68 12.58
N GLU A 436 5.49 0.58 12.05
CA GLU A 436 6.09 0.66 10.73
C GLU A 436 5.03 1.04 9.70
N SER A 437 3.82 0.48 9.81
CA SER A 437 2.72 0.84 8.92
C SER A 437 2.29 2.29 9.14
N TYR A 438 2.30 2.76 10.39
CA TYR A 438 1.99 4.16 10.66
C TYR A 438 2.95 5.08 9.92
N TYR A 439 4.25 4.78 9.98
CA TYR A 439 5.22 5.65 9.35
C TYR A 439 5.10 5.63 7.82
N LYS A 440 4.87 4.46 7.23
CA LYS A 440 4.72 4.42 5.76
C LYS A 440 3.49 5.19 5.31
N LEU A 441 2.36 4.98 5.98
CA LEU A 441 1.15 5.73 5.64
C LEU A 441 1.39 7.23 5.74
N ASP A 442 1.98 7.68 6.86
CA ASP A 442 2.32 9.09 6.99
C ASP A 442 3.19 9.57 5.83
N LYS A 443 4.23 8.82 5.52
CA LYS A 443 5.10 9.19 4.40
C LYS A 443 4.29 9.32 3.12
N LYS A 444 3.39 8.37 2.88
CA LYS A 444 2.53 8.41 1.70
C LYS A 444 1.64 9.65 1.71
N ILE A 445 1.12 10.02 2.87
CA ILE A 445 0.10 11.05 2.94
C ILE A 445 0.69 12.42 2.65
N ILE A 446 1.69 12.83 3.42
CA ILE A 446 2.28 14.15 3.21
C ILE A 446 2.92 14.25 1.84
N SER A 447 3.49 13.15 1.36
CA SER A 447 4.13 13.11 0.04
C SER A 447 3.13 13.32 -1.08
N PHE A 448 1.98 12.64 -1.02
CA PHE A 448 0.93 12.90 -2.00
C PHE A 448 0.36 14.31 -1.85
N TYR A 449 0.16 14.76 -0.62
CA TYR A 449 -0.41 16.10 -0.42
C TYR A 449 0.56 17.17 -0.90
N ASN A 450 1.86 16.99 -0.67
CA ASN A 450 2.83 17.93 -1.23
C ASN A 450 2.75 17.97 -2.75
N ARG A 451 2.67 16.81 -3.39
CA ARG A 451 2.60 16.80 -4.85
C ARG A 451 1.39 17.59 -5.35
N LYS A 452 0.23 17.40 -4.71
CA LYS A 452 -0.97 18.09 -5.15
C LYS A 452 -0.86 19.60 -4.98
N GLN A 453 -0.10 20.06 -3.98
CA GLN A 453 0.15 21.49 -3.84
C GLN A 453 1.04 22.00 -4.96
N LYS A 454 2.08 21.25 -5.31
CA LYS A 454 2.97 21.60 -6.41
C LYS A 454 2.19 21.72 -7.71
N ALA A 455 1.67 20.60 -8.21
CA ALA A 455 1.04 20.57 -9.53
C ALA A 455 -0.09 21.57 -9.67
N GLU A 456 -0.65 22.04 -8.56
CA GLU A 456 -1.75 22.99 -8.61
C GLU A 456 -1.23 24.43 -8.78
N GLU B 13 40.73 26.88 -44.76
CA GLU B 13 39.35 26.57 -44.42
C GLU B 13 38.59 25.86 -45.56
N VAL B 14 37.61 25.03 -45.20
CA VAL B 14 37.05 24.03 -46.08
C VAL B 14 35.56 23.83 -45.76
N LEU B 15 34.80 23.51 -46.80
CA LEU B 15 33.35 23.40 -46.67
C LEU B 15 32.93 22.07 -46.02
N PHE B 16 32.09 22.15 -44.99
CA PHE B 16 31.60 20.94 -44.39
C PHE B 16 30.17 20.65 -44.82
N GLN B 17 29.93 19.38 -45.13
CA GLN B 17 28.59 18.90 -45.45
C GLN B 17 27.62 19.37 -44.37
N GLY B 18 26.41 19.73 -44.79
CA GLY B 18 25.36 20.07 -43.86
C GLY B 18 25.10 18.91 -42.90
N PRO B 19 24.29 19.14 -41.87
CA PRO B 19 23.96 18.03 -40.96
C PRO B 19 23.20 16.94 -41.71
N MET B 20 23.48 15.70 -41.33
CA MET B 20 22.83 14.55 -41.93
C MET B 20 22.40 13.63 -40.81
N GLU B 21 21.13 13.23 -40.81
CA GLU B 21 20.73 12.17 -39.92
C GLU B 21 21.56 10.93 -40.21
N MET B 22 22.11 10.32 -39.17
CA MET B 22 22.90 9.11 -39.35
C MET B 22 21.99 7.95 -39.74
N ILE B 23 22.43 7.17 -40.72
CA ILE B 23 21.63 6.09 -41.27
C ILE B 23 22.50 4.84 -41.32
N LEU B 24 22.07 3.78 -40.63
CA LEU B 24 22.80 2.51 -40.59
C LEU B 24 22.33 1.64 -41.75
N GLU B 25 23.28 1.20 -42.59
CA GLU B 25 22.99 0.44 -43.80
C GLU B 25 23.50 -0.99 -43.65
N GLU B 26 23.14 -1.82 -44.65
CA GLU B 26 23.44 -3.24 -44.61
C GLU B 26 24.91 -3.51 -44.31
N LYS B 27 25.81 -2.63 -44.73
CA LYS B 27 27.22 -2.86 -44.46
C LYS B 27 27.54 -2.71 -42.97
N ASP B 28 26.87 -1.77 -42.30
CA ASP B 28 27.19 -1.47 -40.91
C ASP B 28 26.91 -2.65 -39.99
N ALA B 29 26.13 -3.63 -40.44
CA ALA B 29 25.75 -4.75 -39.57
C ALA B 29 26.95 -5.52 -39.05
N SER B 30 28.09 -5.45 -39.74
CA SER B 30 29.28 -6.14 -39.26
C SER B 30 29.79 -5.61 -37.94
N ASP B 31 29.33 -4.44 -37.49
CA ASP B 31 29.92 -3.73 -36.37
C ASP B 31 29.18 -3.93 -35.05
N TRP B 32 28.25 -4.88 -34.99
CA TRP B 32 27.37 -5.02 -33.84
C TRP B 32 27.32 -6.47 -33.40
N ILE B 33 27.58 -6.72 -32.12
CA ILE B 33 27.53 -8.07 -31.56
C ILE B 33 26.38 -8.16 -30.56
N TYR B 34 25.66 -9.27 -30.64
CA TYR B 34 24.63 -9.64 -29.69
C TYR B 34 25.04 -9.33 -28.26
N ARG B 35 24.23 -8.52 -27.57
CA ARG B 35 24.35 -8.37 -26.13
C ARG B 35 23.27 -9.13 -25.38
N GLY B 36 22.02 -9.03 -25.80
CA GLY B 36 20.95 -9.83 -25.18
C GLY B 36 19.60 -9.42 -25.72
N GLU B 37 18.56 -9.74 -24.95
CA GLU B 37 17.19 -9.41 -25.37
C GLU B 37 16.24 -9.75 -24.24
N GLY B 38 15.09 -9.07 -24.26
CA GLY B 38 13.96 -9.43 -23.43
C GLY B 38 12.81 -9.88 -24.30
N GLY B 39 11.57 -9.67 -23.83
CA GLY B 39 10.42 -10.02 -24.64
C GLY B 39 10.23 -9.16 -25.87
N ALA B 40 10.75 -7.93 -25.87
CA ALA B 40 10.42 -6.95 -26.90
C ALA B 40 11.60 -6.39 -27.66
N ASN B 41 12.81 -6.47 -27.16
CA ASN B 41 13.87 -5.76 -27.85
C ASN B 41 15.12 -6.60 -27.98
N LEU B 42 15.73 -6.53 -29.15
CA LEU B 42 17.08 -7.04 -29.35
C LEU B 42 18.06 -5.95 -28.96
N VAL B 43 19.12 -6.32 -28.28
CA VAL B 43 20.13 -5.34 -27.89
C VAL B 43 21.49 -5.84 -28.33
N LEU B 44 22.24 -4.98 -29.00
CA LEU B 44 23.55 -5.30 -29.53
C LEU B 44 24.55 -4.25 -29.07
N ALA B 45 25.79 -4.68 -28.92
CA ALA B 45 26.89 -3.79 -28.57
C ALA B 45 27.74 -3.50 -29.81
N TYR B 46 28.18 -2.25 -29.91
CA TYR B 46 29.00 -1.82 -31.03
C TYR B 46 30.42 -2.33 -30.82
N ALA B 47 30.96 -3.03 -31.83
CA ALA B 47 32.31 -3.60 -31.76
C ALA B 47 33.19 -3.04 -32.86
N GLY B 48 32.85 -1.84 -33.33
CA GLY B 48 33.62 -1.17 -34.34
C GLY B 48 34.42 -0.04 -33.73
N SER B 49 34.66 1.01 -34.52
CA SER B 49 35.55 2.09 -34.12
C SER B 49 35.00 3.49 -34.38
N SER B 50 33.84 3.64 -35.00
CA SER B 50 33.29 4.95 -35.26
C SER B 50 33.01 5.68 -33.94
N PRO B 51 33.38 6.96 -33.84
CA PRO B 51 33.09 7.71 -32.59
C PRO B 51 31.61 7.90 -32.32
N LEU B 52 30.74 7.64 -33.30
CA LEU B 52 29.30 7.79 -33.06
C LEU B 52 28.76 6.68 -32.17
N PHE B 53 29.43 5.53 -32.18
CA PHE B 53 28.88 4.34 -31.57
C PHE B 53 29.77 3.70 -30.51
N VAL B 54 31.07 4.08 -30.43
CA VAL B 54 31.92 3.54 -29.38
C VAL B 54 31.28 3.77 -28.02
N GLY B 55 31.11 2.68 -27.26
CA GLY B 55 30.43 2.77 -25.98
C GLY B 55 28.94 2.86 -26.04
N LYS B 56 28.32 2.49 -27.17
CA LYS B 56 26.88 2.51 -27.34
C LYS B 56 26.36 1.10 -27.57
N VAL B 57 25.11 0.86 -27.18
CA VAL B 57 24.36 -0.30 -27.65
C VAL B 57 23.24 0.20 -28.54
N ILE B 58 22.80 -0.67 -29.43
CA ILE B 58 21.63 -0.40 -30.25
C ILE B 58 20.52 -1.34 -29.77
N ARG B 59 19.30 -0.80 -29.72
CA ARG B 59 18.13 -1.53 -29.24
C ARG B 59 17.11 -1.54 -30.36
N ILE B 60 16.69 -2.74 -30.76
CA ILE B 60 15.94 -2.98 -31.99
C ILE B 60 14.67 -3.72 -31.60
N GLN B 61 13.51 -3.14 -31.94
CA GLN B 61 12.24 -3.75 -31.58
C GLN B 61 11.99 -5.00 -32.41
N LYS B 62 11.54 -6.07 -31.74
CA LYS B 62 11.10 -7.29 -32.37
C LYS B 62 9.60 -7.21 -32.67
N ALA B 63 9.17 -7.98 -33.65
CA ALA B 63 7.76 -8.15 -33.93
C ALA B 63 7.32 -9.50 -33.41
N ARG B 64 6.39 -9.49 -32.45
CA ARG B 64 5.69 -10.73 -32.11
C ARG B 64 5.16 -11.36 -33.40
N ARG B 65 5.16 -12.69 -33.44
CA ARG B 65 4.62 -13.38 -34.61
C ARG B 65 3.15 -13.73 -34.39
N SER B 78 -1.41 3.40 -36.98
CA SER B 78 -0.47 2.29 -36.93
C SER B 78 0.39 2.32 -35.67
N VAL B 79 0.71 3.51 -35.17
CA VAL B 79 1.61 3.63 -34.02
C VAL B 79 0.88 3.36 -32.71
N LEU B 80 -0.37 3.82 -32.59
CA LEU B 80 -1.20 3.59 -31.43
C LEU B 80 -2.58 3.19 -31.91
N THR B 81 -3.17 2.19 -31.25
CA THR B 81 -4.55 1.87 -31.59
C THR B 81 -5.45 3.05 -31.28
N SER B 82 -6.69 2.96 -31.77
CA SER B 82 -7.68 3.97 -31.46
C SER B 82 -7.93 4.04 -29.96
N ASP B 83 -8.10 2.88 -29.31
CA ASP B 83 -8.29 2.89 -27.86
C ASP B 83 -7.16 3.60 -27.16
N GLU B 84 -5.92 3.36 -27.63
CA GLU B 84 -4.75 3.97 -26.99
C GLU B 84 -4.73 5.49 -27.18
N GLN B 85 -5.16 5.97 -28.34
CA GLN B 85 -5.17 7.42 -28.57
C GLN B 85 -6.24 8.09 -27.73
N HIS B 86 -7.31 7.37 -27.41
CA HIS B 86 -8.30 7.84 -26.44
C HIS B 86 -7.70 7.89 -25.04
N LEU B 87 -7.02 6.80 -24.63
CA LEU B 87 -6.43 6.72 -23.29
C LEU B 87 -5.35 7.78 -23.09
N TRP B 88 -4.45 7.94 -24.04
CA TRP B 88 -3.35 8.88 -23.88
C TRP B 88 -3.66 10.24 -24.46
N ARG B 89 -4.93 10.59 -24.62
CA ARG B 89 -5.30 11.84 -25.29
C ARG B 89 -4.59 13.05 -24.68
N GLU B 90 -4.45 13.08 -23.35
CA GLU B 90 -3.79 14.23 -22.70
C GLU B 90 -2.33 14.41 -23.10
N ASN B 91 -1.70 13.40 -23.71
CA ASN B 91 -0.30 13.49 -24.12
C ASN B 91 -0.26 13.57 -25.64
N ASN B 92 -0.47 14.79 -26.17
CA ASN B 92 -0.62 14.95 -27.62
C ASN B 92 0.65 14.53 -28.37
N GLU B 93 1.81 14.97 -27.88
CA GLU B 93 3.07 14.58 -28.49
C GLU B 93 3.23 13.07 -28.53
N LEU B 94 2.89 12.38 -27.45
CA LEU B 94 2.93 10.93 -27.45
C LEU B 94 2.07 10.36 -28.59
N ILE B 95 0.82 10.83 -28.68
CA ILE B 95 -0.13 10.25 -29.63
C ILE B 95 0.14 10.66 -31.07
N SER B 96 0.92 11.71 -31.30
CA SER B 96 1.31 12.10 -32.65
C SER B 96 2.67 11.54 -33.08
N SER B 97 3.21 10.56 -32.35
CA SER B 97 4.52 10.03 -32.71
C SER B 97 4.46 9.37 -34.08
N PRO B 98 5.44 9.62 -34.94
CA PRO B 98 5.42 9.03 -36.29
C PRO B 98 5.78 7.54 -36.33
N ASN B 99 6.57 7.05 -35.38
CA ASN B 99 6.95 5.63 -35.33
C ASN B 99 7.02 5.17 -33.88
N LYS B 100 7.29 3.88 -33.70
CA LYS B 100 7.27 3.31 -32.36
C LYS B 100 8.52 3.68 -31.55
N GLU B 101 9.60 4.10 -32.21
CA GLU B 101 10.80 4.51 -31.50
C GLU B 101 10.66 5.93 -30.94
N VAL B 102 10.12 6.85 -31.75
CA VAL B 102 9.74 8.16 -31.26
C VAL B 102 8.75 8.02 -30.12
N LEU B 103 7.82 7.07 -30.26
CA LEU B 103 6.83 6.79 -29.23
C LEU B 103 7.49 6.49 -27.89
N GLU B 104 8.38 5.51 -27.87
CA GLU B 104 9.08 5.19 -26.63
C GLU B 104 9.84 6.41 -26.12
N GLN B 105 10.45 7.17 -27.04
CA GLN B 105 11.25 8.32 -26.64
C GLN B 105 10.39 9.34 -25.92
N ARG B 106 9.24 9.64 -26.49
CA ARG B 106 8.36 10.64 -25.91
C ARG B 106 7.67 10.10 -24.67
N TYR B 107 7.51 8.78 -24.58
CA TYR B 107 7.02 8.17 -23.34
C TYR B 107 8.04 8.33 -22.22
N VAL B 108 9.28 7.94 -22.46
CA VAL B 108 10.31 8.06 -21.43
C VAL B 108 10.47 9.53 -21.03
N GLN B 109 10.59 10.43 -22.00
CA GLN B 109 10.82 11.84 -21.69
C GLN B 109 9.61 12.50 -21.04
N ASN B 110 8.40 12.20 -21.51
CA ASN B 110 7.23 13.00 -21.16
C ASN B 110 6.37 12.42 -20.04
N VAL B 111 6.46 11.11 -19.79
CA VAL B 111 5.64 10.45 -18.79
C VAL B 111 6.50 9.88 -17.66
N ILE B 112 7.60 9.20 -18.00
CA ILE B 112 8.41 8.52 -16.99
C ILE B 112 9.31 9.52 -16.25
N ILE B 113 10.08 10.32 -16.98
CA ILE B 113 11.06 11.19 -16.34
C ILE B 113 10.38 12.17 -15.41
N PRO B 114 9.33 12.88 -15.80
CA PRO B 114 8.60 13.72 -14.84
C PRO B 114 8.23 12.99 -13.58
N LEU B 115 8.08 11.66 -13.63
CA LEU B 115 7.70 10.87 -12.47
C LEU B 115 8.88 10.31 -11.69
N LEU B 116 9.95 9.95 -12.39
CA LEU B 116 11.07 9.23 -11.81
C LEU B 116 12.34 10.07 -11.68
N GLY B 117 12.43 11.18 -12.42
CA GLY B 117 13.61 12.01 -12.41
C GLY B 117 14.50 11.69 -13.58
N PRO B 118 15.21 12.69 -14.10
CA PRO B 118 16.13 12.43 -15.22
C PRO B 118 17.49 11.90 -14.80
N LYS B 119 17.79 11.87 -13.50
CA LYS B 119 19.15 11.56 -13.06
C LYS B 119 19.59 10.17 -13.52
N HIS B 120 18.68 9.20 -13.53
CA HIS B 120 19.05 7.81 -13.80
C HIS B 120 18.37 7.26 -15.04
N VAL B 121 17.80 8.12 -15.88
CA VAL B 121 16.93 7.69 -16.97
C VAL B 121 17.41 8.35 -18.25
N ASP B 122 17.31 7.62 -19.34
CA ASP B 122 17.70 8.13 -20.65
C ASP B 122 16.70 7.63 -21.67
N ALA B 123 15.79 8.51 -22.11
CA ALA B 123 15.26 8.34 -23.45
C ALA B 123 16.45 8.30 -24.39
N GLY B 124 16.40 7.42 -25.36
CA GLY B 124 17.58 7.21 -26.18
C GLY B 124 17.76 8.31 -27.21
N VAL B 125 18.72 8.09 -28.10
CA VAL B 125 18.87 8.90 -29.30
C VAL B 125 18.46 8.02 -30.47
N ARG B 126 17.62 8.55 -31.34
CA ARG B 126 17.07 7.76 -32.43
C ARG B 126 18.02 7.75 -33.61
N VAL B 127 18.06 6.62 -34.31
CA VAL B 127 18.91 6.47 -35.49
C VAL B 127 18.10 5.75 -36.58
N SER B 128 18.35 6.13 -37.83
CA SER B 128 17.70 5.47 -38.96
C SER B 128 18.40 4.17 -39.27
N VAL B 129 17.65 3.23 -39.81
CA VAL B 129 18.19 1.93 -40.20
C VAL B 129 17.42 1.45 -41.41
N SER B 130 18.10 0.77 -42.31
CA SER B 130 17.45 0.27 -43.51
C SER B 130 16.94 -1.14 -43.27
N LYS B 131 15.89 -1.50 -44.01
CA LYS B 131 15.38 -2.86 -43.92
C LYS B 131 16.53 -3.86 -44.02
N GLU B 132 17.46 -3.61 -44.94
CA GLU B 132 18.55 -4.55 -45.18
C GLU B 132 19.44 -4.70 -43.95
N PHE B 133 19.72 -3.61 -43.24
CA PHE B 133 20.47 -3.69 -41.98
C PHE B 133 19.71 -4.48 -40.91
N LEU B 134 18.43 -4.17 -40.73
CA LEU B 134 17.65 -4.92 -39.75
C LEU B 134 17.63 -6.41 -40.08
N GLU B 135 17.56 -6.74 -41.37
CA GLU B 135 17.55 -8.15 -41.75
C GLU B 135 18.89 -8.82 -41.52
N CYS B 136 19.99 -8.10 -41.74
CA CYS B 136 21.31 -8.69 -41.57
C CYS B 136 21.66 -8.86 -40.10
N VAL B 137 21.41 -7.83 -39.28
CA VAL B 137 21.58 -8.02 -37.85
C VAL B 137 20.77 -9.23 -37.40
N ASP B 138 19.55 -9.36 -37.93
CA ASP B 138 18.66 -10.45 -37.54
C ASP B 138 19.27 -11.81 -37.83
N LYS B 139 19.72 -12.02 -39.07
CA LYS B 139 20.33 -13.30 -39.41
C LYS B 139 21.63 -13.51 -38.65
N LYS B 140 22.47 -12.49 -38.56
CA LYS B 140 23.79 -12.64 -37.95
C LYS B 140 23.73 -13.23 -36.54
N VAL B 141 22.78 -12.77 -35.72
CA VAL B 141 22.77 -13.15 -34.32
C VAL B 141 21.82 -14.30 -34.02
N THR B 142 21.06 -14.78 -35.01
CA THR B 142 20.06 -15.82 -34.74
C THR B 142 20.63 -16.96 -33.92
N LYS B 143 21.91 -17.28 -34.13
CA LYS B 143 22.50 -18.43 -33.45
C LYS B 143 22.62 -18.19 -31.95
N GLN B 144 23.04 -16.99 -31.55
CA GLN B 144 23.21 -16.67 -30.14
C GLN B 144 21.90 -16.43 -29.41
N ARG B 145 20.81 -16.53 -30.06
CA ARG B 145 19.57 -16.30 -29.36
C ARG B 145 18.99 -17.62 -28.87
N PRO B 146 18.34 -17.63 -27.70
CA PRO B 146 17.64 -18.84 -27.27
C PRO B 146 16.63 -19.26 -28.34
N LEU B 147 16.47 -20.58 -28.49
CA LEU B 147 15.56 -21.09 -29.51
C LEU B 147 14.15 -20.61 -29.28
N TRP B 148 13.73 -20.55 -28.01
CA TRP B 148 12.36 -20.17 -27.72
C TRP B 148 12.14 -18.68 -27.92
N ARG B 149 13.20 -17.87 -27.77
CA ARG B 149 13.12 -16.48 -28.21
C ARG B 149 12.90 -16.38 -29.71
N VAL B 150 13.64 -17.19 -30.49
CA VAL B 150 13.52 -17.15 -31.95
C VAL B 150 12.14 -17.59 -32.39
N ASN B 151 11.61 -18.67 -31.79
CA ASN B 151 10.24 -19.09 -32.08
C ASN B 151 9.24 -17.94 -31.90
N ALA B 152 9.41 -17.14 -30.84
CA ALA B 152 8.41 -16.17 -30.46
C ALA B 152 8.41 -14.94 -31.37
N ALA B 153 9.58 -14.47 -31.77
CA ALA B 153 9.66 -13.25 -32.55
C ALA B 153 11.09 -13.08 -33.06
N ASN B 154 11.24 -12.16 -34.01
CA ASN B 154 12.55 -11.72 -34.47
C ASN B 154 12.46 -10.21 -34.77
N VAL B 155 13.53 -9.69 -35.36
CA VAL B 155 13.60 -8.27 -35.64
C VAL B 155 12.45 -7.86 -36.55
N ASP B 156 11.75 -6.80 -36.16
CA ASP B 156 10.70 -6.26 -37.02
C ASP B 156 11.36 -5.41 -38.09
N THR B 157 11.55 -5.99 -39.28
CA THR B 157 12.29 -5.35 -40.35
C THR B 157 11.48 -4.27 -41.07
N SER B 158 10.27 -3.97 -40.61
CA SER B 158 9.49 -2.89 -41.19
C SER B 158 9.70 -1.55 -40.48
N HIS B 159 10.48 -1.52 -39.39
CA HIS B 159 10.81 -0.25 -38.74
C HIS B 159 11.95 0.46 -39.47
N ASP B 160 11.87 1.79 -39.48
CA ASP B 160 12.89 2.63 -40.11
C ASP B 160 13.81 3.32 -39.11
N SER B 161 13.70 3.01 -37.82
CA SER B 161 14.52 3.64 -36.79
C SER B 161 14.87 2.61 -35.73
N ALA B 162 15.85 2.98 -34.90
CA ALA B 162 16.23 2.19 -33.73
C ALA B 162 16.73 3.17 -32.68
N LEU B 163 17.28 2.64 -31.59
CA LEU B 163 17.56 3.44 -30.40
C LEU B 163 19.00 3.17 -29.96
N ILE B 164 19.74 4.24 -29.74
CA ILE B 164 21.13 4.19 -29.30
C ILE B 164 21.19 4.63 -27.86
N LEU B 165 21.79 3.81 -27.00
CA LEU B 165 21.90 4.07 -25.57
C LEU B 165 23.34 3.90 -25.14
N ASN B 166 23.70 4.56 -24.04
CA ASN B 166 24.99 4.29 -23.42
C ASN B 166 25.05 2.84 -22.96
N ASP B 167 26.09 2.15 -23.36
CA ASP B 167 26.34 0.83 -22.81
C ASP B 167 26.79 0.99 -21.37
N HIS B 168 25.91 0.68 -20.42
CA HIS B 168 26.26 0.87 -19.01
C HIS B 168 27.26 -0.16 -18.54
N SER B 169 27.55 -1.18 -19.33
CA SER B 169 28.65 -2.06 -19.00
C SER B 169 30.00 -1.36 -19.19
N LEU B 170 30.04 -0.26 -19.95
CA LEU B 170 31.20 0.62 -19.99
C LEU B 170 30.99 1.76 -19.01
N PHE B 171 32.00 2.03 -18.16
CA PHE B 171 31.74 2.85 -16.99
C PHE B 171 31.57 4.32 -17.34
N SER B 172 32.36 4.83 -18.29
CA SER B 172 32.24 6.24 -18.65
C SER B 172 32.54 6.41 -20.13
N GLN B 173 31.77 7.30 -20.76
CA GLN B 173 31.82 7.49 -22.21
C GLN B 173 33.16 8.11 -22.63
N GLY B 178 40.44 4.86 -18.26
CA GLY B 178 39.98 4.07 -17.14
C GLY B 178 40.36 2.60 -17.25
N GLY B 179 39.90 1.78 -16.29
CA GLY B 179 40.25 0.37 -16.26
C GLY B 179 39.08 -0.61 -16.31
N ASP B 180 39.09 -1.60 -15.42
CA ASP B 180 38.09 -2.68 -15.44
C ASP B 180 36.71 -2.16 -15.05
N CYS B 181 35.68 -2.61 -15.76
CA CYS B 181 34.31 -2.26 -15.40
C CYS B 181 33.48 -3.51 -15.17
N ILE B 182 33.03 -3.69 -13.93
CA ILE B 182 32.03 -4.70 -13.61
C ILE B 182 30.68 -4.02 -13.46
N SER B 183 29.65 -4.65 -13.99
CA SER B 183 28.30 -4.10 -13.92
C SER B 183 27.32 -5.23 -13.70
N VAL B 184 26.20 -4.90 -13.05
CA VAL B 184 25.18 -5.87 -12.74
C VAL B 184 23.84 -5.29 -13.13
N GLU B 185 23.01 -6.13 -13.74
CA GLU B 185 21.62 -5.82 -14.02
C GLU B 185 20.74 -6.51 -13.00
N ILE B 186 19.82 -5.77 -12.40
CA ILE B 186 18.79 -6.35 -11.55
C ILE B 186 17.44 -6.02 -12.15
N LYS B 187 16.71 -7.05 -12.56
CA LYS B 187 15.29 -6.94 -12.87
C LYS B 187 14.49 -7.22 -11.60
N PRO B 188 14.15 -6.20 -10.81
CA PRO B 188 13.64 -6.47 -9.46
C PRO B 188 12.17 -6.89 -9.38
N LYS B 189 11.36 -6.58 -10.42
CA LYS B 189 9.92 -6.86 -10.42
C LYS B 189 9.22 -6.13 -9.28
N CYS B 190 8.02 -6.56 -8.92
CA CYS B 190 7.12 -5.74 -8.10
C CYS B 190 7.40 -5.94 -6.62
N GLY B 191 7.75 -4.86 -5.92
CA GLY B 191 8.12 -4.96 -4.52
C GLY B 191 7.10 -4.55 -3.46
N PHE B 192 5.81 -4.69 -3.71
CA PHE B 192 4.84 -4.44 -2.64
C PHE B 192 3.68 -5.42 -2.77
N LEU B 193 2.91 -5.51 -1.72
CA LEU B 193 1.71 -6.32 -1.71
C LEU B 193 0.47 -5.46 -1.97
N PRO B 194 -0.47 -5.88 -2.80
CA PRO B 194 -1.68 -5.06 -2.98
C PRO B 194 -2.55 -5.11 -1.74
N THR B 195 -3.35 -4.04 -1.57
CA THR B 195 -4.30 -3.87 -0.47
C THR B 195 -5.69 -3.51 -0.98
N SER B 196 -5.98 -3.84 -2.24
CA SER B 196 -7.19 -3.37 -2.91
C SER B 196 -8.46 -3.95 -2.27
N ARG B 197 -9.47 -3.11 -2.16
CA ARG B 197 -10.74 -3.66 -1.74
C ARG B 197 -11.43 -4.42 -2.86
N PHE B 198 -10.79 -4.50 -4.03
CA PHE B 198 -11.36 -5.22 -5.16
C PHE B 198 -10.79 -6.63 -5.31
N ILE B 199 -9.84 -7.00 -4.48
CA ILE B 199 -9.45 -8.40 -4.37
C ILE B 199 -10.48 -9.12 -3.52
N GLY B 200 -11.05 -10.18 -4.06
CA GLY B 200 -12.06 -10.91 -3.33
C GLY B 200 -11.47 -11.87 -2.29
N LYS B 201 -12.37 -12.37 -1.43
CA LYS B 201 -11.95 -13.24 -0.34
C LYS B 201 -11.36 -14.53 -0.84
N GLU B 202 -11.82 -15.06 -1.98
CA GLU B 202 -11.15 -16.25 -2.49
C GLU B 202 -9.74 -15.97 -2.98
N ASN B 203 -9.37 -14.71 -3.17
CA ASN B 203 -8.08 -14.35 -3.74
C ASN B 203 -7.17 -13.64 -2.77
N MET B 204 -7.54 -13.57 -1.50
CA MET B 204 -6.87 -12.65 -0.61
C MET B 204 -5.45 -13.06 -0.21
N LEU B 205 -4.97 -14.28 -0.53
CA LEU B 205 -3.54 -14.51 -0.36
C LEU B 205 -2.68 -13.64 -1.27
N LYS B 206 -3.28 -13.00 -2.29
CA LYS B 206 -2.58 -11.97 -3.04
C LYS B 206 -2.16 -10.81 -2.16
N THR B 207 -2.75 -10.65 -0.98
CA THR B 207 -2.38 -9.55 -0.11
C THR B 207 -1.34 -9.95 0.94
N SER B 208 -0.97 -11.23 1.04
CA SER B 208 0.13 -11.64 1.90
C SER B 208 1.29 -12.30 1.18
N VAL B 209 1.16 -12.64 -0.10
CA VAL B 209 2.23 -13.31 -0.81
C VAL B 209 2.52 -12.52 -2.07
N SER B 210 3.80 -12.25 -2.33
CA SER B 210 4.14 -11.44 -3.49
C SER B 210 3.75 -12.15 -4.79
N ARG B 211 3.39 -11.34 -5.79
CA ARG B 211 3.18 -11.85 -7.15
C ARG B 211 4.38 -12.66 -7.65
N PHE B 212 5.59 -12.13 -7.47
CA PHE B 212 6.77 -12.85 -7.93
C PHE B 212 6.79 -14.26 -7.35
N LYS B 213 6.46 -14.38 -6.08
CA LYS B 213 6.49 -15.69 -5.43
C LYS B 213 5.40 -16.62 -5.98
N MET B 214 4.21 -16.09 -6.25
CA MET B 214 3.15 -16.95 -6.79
C MET B 214 3.43 -17.29 -8.26
N HIS B 215 4.04 -16.38 -8.99
CA HIS B 215 4.35 -16.67 -10.39
C HIS B 215 5.39 -17.79 -10.51
N GLN B 216 6.31 -17.88 -9.56
CA GLN B 216 7.32 -18.94 -9.60
C GLN B 216 6.70 -20.33 -9.68
N LEU B 217 5.63 -20.57 -8.92
CA LEU B 217 4.94 -21.86 -8.99
C LEU B 217 4.42 -22.12 -10.41
N LEU B 218 3.70 -21.15 -10.96
CA LEU B 218 3.19 -21.29 -12.31
C LEU B 218 4.33 -21.50 -13.31
N LYS B 219 5.38 -20.68 -13.22
CA LYS B 219 6.51 -20.80 -14.12
C LYS B 219 7.09 -22.21 -14.09
N LEU B 220 7.22 -22.81 -12.90
CA LEU B 220 7.71 -24.18 -12.84
C LEU B 220 6.77 -25.14 -13.54
N GLU B 221 5.46 -24.93 -13.40
CA GLU B 221 4.49 -25.79 -14.06
C GLU B 221 4.68 -25.78 -15.58
N TYR B 222 5.05 -24.63 -16.15
CA TYR B 222 5.21 -24.51 -17.60
C TYR B 222 6.67 -24.67 -18.05
N ILE B 223 7.54 -25.19 -17.20
CA ILE B 223 8.92 -25.46 -17.60
C ILE B 223 9.54 -24.19 -18.16
N GLU B 224 9.24 -23.04 -17.55
CA GLU B 224 9.84 -21.76 -17.92
C GLU B 224 11.01 -21.38 -17.02
N ILE B 225 11.20 -22.08 -15.91
CA ILE B 225 12.36 -21.97 -15.03
C ILE B 225 12.67 -23.38 -14.57
N SER B 226 13.86 -23.55 -13.99
CA SER B 226 14.29 -24.89 -13.56
C SER B 226 14.12 -25.13 -12.07
N GLU B 227 14.07 -24.08 -11.26
CA GLU B 227 13.91 -24.22 -9.83
C GLU B 227 13.25 -22.95 -9.32
N GLU B 228 12.61 -23.05 -8.16
CA GLU B 228 12.02 -21.87 -7.56
C GLU B 228 13.14 -20.89 -7.16
N SER B 229 12.90 -19.61 -7.42
CA SER B 229 13.89 -18.59 -7.12
C SER B 229 13.96 -18.34 -5.62
N GLU B 230 15.16 -18.08 -5.12
CA GLU B 230 15.27 -17.71 -3.71
C GLU B 230 15.02 -16.23 -3.47
N TYR B 231 14.77 -15.46 -4.53
CA TYR B 231 14.66 -14.02 -4.41
C TYR B 231 13.23 -13.62 -4.05
N ASP B 232 13.11 -12.75 -3.04
CA ASP B 232 11.85 -12.12 -2.71
C ASP B 232 12.01 -10.64 -2.95
N PRO B 233 11.27 -10.06 -3.90
CA PRO B 233 11.36 -8.62 -4.12
C PRO B 233 11.00 -7.80 -2.91
N LEU B 234 10.17 -8.32 -2.00
CA LEU B 234 9.81 -7.55 -0.82
C LEU B 234 11.04 -7.28 0.06
N ASP B 235 12.03 -8.18 0.05
CA ASP B 235 13.28 -7.88 0.75
C ASP B 235 14.02 -6.74 0.08
N LEU B 236 14.07 -6.75 -1.26
CA LEU B 236 14.91 -5.79 -1.97
C LEU B 236 14.32 -4.39 -1.94
N PHE B 237 13.01 -4.28 -1.84
CA PHE B 237 12.33 -3.00 -1.76
C PHE B 237 11.96 -2.61 -0.33
N SER B 238 12.45 -3.35 0.67
CA SER B 238 12.00 -3.18 2.05
C SER B 238 12.56 -1.93 2.73
N GLY B 239 13.65 -1.35 2.21
CA GLY B 239 14.29 -0.23 2.85
C GLY B 239 15.25 -0.60 3.97
N SER B 240 15.32 -1.87 4.36
CA SER B 240 16.29 -2.36 5.33
C SER B 240 17.49 -2.95 4.60
N LYS B 241 18.70 -2.52 4.98
CA LYS B 241 19.87 -2.96 4.24
C LYS B 241 20.25 -4.40 4.54
N GLU B 242 19.81 -4.93 5.68
CA GLU B 242 19.99 -6.36 5.93
C GLU B 242 19.17 -7.19 4.94
N ARG B 243 17.94 -6.76 4.63
CA ARG B 243 17.12 -7.51 3.70
C ARG B 243 17.50 -7.23 2.26
N VAL B 244 18.04 -6.05 1.98
CA VAL B 244 18.58 -5.80 0.66
C VAL B 244 19.75 -6.75 0.39
N LEU B 245 20.57 -6.98 1.41
CA LEU B 245 21.70 -7.88 1.23
C LEU B 245 21.23 -9.31 1.04
N GLU B 246 20.30 -9.77 1.88
CA GLU B 246 19.69 -11.07 1.66
C GLU B 246 19.25 -11.21 0.19
N ALA B 247 18.58 -10.19 -0.34
CA ALA B 247 18.07 -10.26 -1.71
C ALA B 247 19.18 -10.42 -2.73
N ILE B 248 20.28 -9.66 -2.59
CA ILE B 248 21.38 -9.76 -3.55
C ILE B 248 22.00 -11.17 -3.52
N LYS B 249 22.21 -11.72 -2.31
CA LYS B 249 22.71 -13.09 -2.19
C LYS B 249 21.80 -14.08 -2.91
N ALA B 250 20.49 -13.93 -2.72
CA ALA B 250 19.54 -14.83 -3.37
C ALA B 250 19.59 -14.68 -4.89
N LEU B 251 19.67 -13.45 -5.38
CA LEU B 251 19.76 -13.25 -6.83
C LEU B 251 20.99 -13.95 -7.40
N TYR B 252 22.08 -13.94 -6.63
CA TYR B 252 23.28 -14.66 -7.02
C TYR B 252 22.98 -16.16 -7.13
N SER B 253 22.38 -16.75 -6.09
CA SER B 253 22.14 -18.20 -6.11
C SER B 253 21.24 -18.59 -7.28
N THR B 254 20.08 -17.94 -7.39
CA THR B 254 19.09 -18.24 -8.42
C THR B 254 18.90 -16.98 -9.26
N PRO B 255 19.81 -16.69 -10.18
CA PRO B 255 19.68 -15.45 -10.98
C PRO B 255 18.40 -15.40 -11.80
N GLN B 256 17.90 -16.55 -12.25
CA GLN B 256 16.84 -16.66 -13.26
C GLN B 256 17.06 -15.57 -14.30
N ASN B 257 16.05 -14.74 -14.58
CA ASN B 257 16.28 -13.59 -15.47
C ASN B 257 16.31 -12.28 -14.71
N ASN B 258 16.65 -12.32 -13.42
CA ASN B 258 16.59 -11.14 -12.57
C ASN B 258 17.96 -10.60 -12.19
N PHE B 259 19.03 -11.32 -12.53
CA PHE B 259 20.39 -10.96 -12.13
C PHE B 259 21.35 -11.31 -13.25
N ARG B 260 22.19 -10.36 -13.63
CA ARG B 260 23.29 -10.60 -14.54
C ARG B 260 24.48 -9.78 -14.08
N VAL B 261 25.67 -10.32 -14.32
CA VAL B 261 26.92 -9.61 -14.05
C VAL B 261 27.76 -9.64 -15.33
N PHE B 262 28.33 -8.50 -15.68
CA PHE B 262 29.15 -8.35 -16.88
C PHE B 262 30.55 -7.90 -16.51
N LEU B 263 31.56 -8.48 -17.15
CA LEU B 263 32.93 -8.00 -17.05
C LEU B 263 33.28 -7.38 -18.39
N ASN B 264 33.49 -6.07 -18.38
CA ASN B 264 33.71 -5.29 -19.60
C ASN B 264 32.70 -5.68 -20.68
N GLY B 265 31.43 -5.68 -20.30
CA GLY B 265 30.36 -6.00 -21.22
C GLY B 265 30.29 -7.46 -21.60
N SER B 266 31.09 -8.30 -20.95
CA SER B 266 31.06 -9.73 -21.16
C SER B 266 30.26 -10.39 -20.04
N LEU B 267 29.40 -11.31 -20.40
CA LEU B 267 28.52 -11.96 -19.45
C LEU B 267 29.31 -12.97 -18.63
N ILE B 268 29.38 -12.75 -17.31
CA ILE B 268 30.06 -13.69 -16.41
C ILE B 268 29.14 -14.29 -15.37
N LEU B 269 27.87 -13.87 -15.30
CA LEU B 269 26.88 -14.56 -14.49
C LEU B 269 25.49 -14.21 -15.01
N GLY B 270 24.62 -15.21 -15.11
CA GLY B 270 23.26 -15.01 -15.58
C GLY B 270 23.07 -15.57 -16.98
N GLY B 271 21.81 -15.53 -17.43
CA GLY B 271 21.47 -16.02 -18.74
C GLY B 271 21.66 -15.00 -19.85
N SER B 272 21.66 -15.48 -21.08
CA SER B 272 21.88 -14.62 -22.26
C SER B 272 20.57 -14.47 -23.04
N GLY B 273 19.84 -13.40 -22.78
CA GLY B 273 18.55 -13.25 -23.41
C GLY B 273 17.51 -14.21 -22.89
N GLU B 274 17.68 -14.70 -21.68
CA GLU B 274 16.78 -15.68 -21.07
C GLU B 274 17.26 -15.90 -19.64
N SER B 275 16.38 -16.46 -18.81
CA SER B 275 16.78 -16.88 -17.47
C SER B 275 17.74 -18.06 -17.57
N THR B 276 18.58 -18.22 -16.55
CA THR B 276 19.46 -19.37 -16.43
C THR B 276 19.17 -20.10 -15.12
N GLY B 277 19.83 -21.24 -14.93
CA GLY B 277 19.59 -22.05 -13.75
C GLY B 277 20.36 -21.59 -12.51
N ARG B 278 20.10 -22.30 -11.40
CA ARG B 278 20.77 -22.00 -10.14
C ARG B 278 22.28 -21.98 -10.31
N THR B 279 22.93 -21.05 -9.62
CA THR B 279 24.39 -21.02 -9.62
C THR B 279 24.91 -22.25 -8.89
N SER B 280 25.56 -23.15 -9.61
CA SER B 280 26.15 -24.33 -8.99
C SER B 280 27.55 -24.02 -8.47
N PRO B 281 28.12 -24.93 -7.70
CA PRO B 281 29.52 -24.76 -7.28
C PRO B 281 30.47 -24.48 -8.43
N GLU B 282 30.31 -25.14 -9.57
CA GLU B 282 31.22 -24.90 -10.68
C GLU B 282 30.98 -23.53 -11.31
N ILE B 283 29.71 -23.13 -11.45
CA ILE B 283 29.42 -21.79 -11.92
C ILE B 283 29.97 -20.75 -10.95
N GLY B 284 29.96 -21.07 -9.66
CA GLY B 284 30.51 -20.15 -8.68
C GLY B 284 32.03 -20.06 -8.73
N TYR B 285 32.72 -21.19 -8.93
CA TYR B 285 34.18 -21.15 -9.05
C TYR B 285 34.60 -20.23 -10.18
N ALA B 286 33.89 -20.27 -11.31
CA ALA B 286 34.25 -19.42 -12.45
C ALA B 286 33.93 -17.94 -12.18
N PHE B 287 32.80 -17.67 -11.51
CA PHE B 287 32.52 -16.30 -11.09
C PHE B 287 33.62 -15.77 -10.16
N GLU B 288 33.92 -16.52 -9.10
CA GLU B 288 34.99 -16.12 -8.19
C GLU B 288 36.28 -15.79 -8.95
N ASP B 289 36.64 -16.62 -9.94
CA ASP B 289 37.84 -16.35 -10.72
C ASP B 289 37.68 -15.12 -11.60
N ALA B 290 36.53 -14.99 -12.27
CA ALA B 290 36.26 -13.81 -13.09
C ALA B 290 36.42 -12.49 -12.32
N LEU B 291 36.44 -12.53 -10.99
CA LEU B 291 36.56 -11.32 -10.19
C LEU B 291 38.00 -11.00 -9.80
N LYS B 292 38.95 -11.90 -10.08
CA LYS B 292 40.34 -11.63 -9.75
C LYS B 292 40.77 -10.31 -10.40
N GLY B 293 41.66 -9.59 -9.72
CA GLY B 293 42.04 -8.28 -10.19
C GLY B 293 41.09 -7.20 -9.72
N PHE B 294 39.81 -7.32 -10.05
CA PHE B 294 38.85 -6.29 -9.68
C PHE B 294 38.62 -6.25 -8.16
N ILE B 295 38.18 -7.36 -7.58
CA ILE B 295 38.05 -7.46 -6.12
C ILE B 295 39.36 -8.00 -5.57
N GLN B 296 40.07 -7.16 -4.81
CA GLN B 296 41.36 -7.55 -4.25
C GLN B 296 41.10 -8.23 -2.91
N SER B 297 40.81 -9.53 -2.98
CA SER B 297 40.46 -10.33 -1.82
C SER B 297 40.99 -11.75 -2.03
N GLU B 298 41.46 -12.37 -0.95
CA GLU B 298 42.01 -13.72 -1.05
C GLU B 298 41.02 -14.67 -1.72
N ASP B 299 41.55 -15.65 -2.45
CA ASP B 299 40.72 -16.57 -3.22
C ASP B 299 39.59 -17.14 -2.37
N GLY B 300 38.42 -17.28 -2.99
CA GLY B 300 37.22 -17.73 -2.30
C GLY B 300 36.50 -16.67 -1.50
N HIS B 301 36.98 -15.42 -1.52
CA HIS B 301 36.37 -14.33 -0.77
C HIS B 301 35.90 -13.18 -1.64
N ARG B 302 36.22 -13.20 -2.93
CA ARG B 302 35.84 -12.10 -3.80
C ARG B 302 34.33 -12.04 -4.00
N THR B 303 33.67 -13.20 -4.07
CA THR B 303 32.23 -13.23 -4.31
C THR B 303 31.46 -12.63 -3.14
N GLU B 304 31.76 -13.05 -1.91
CA GLU B 304 31.14 -12.45 -0.74
C GLU B 304 31.32 -10.93 -0.74
N CYS B 305 32.55 -10.47 -1.01
CA CYS B 305 32.82 -9.03 -1.06
C CYS B 305 32.06 -8.36 -2.20
N PHE B 306 31.95 -9.01 -3.36
CA PHE B 306 31.25 -8.38 -4.48
C PHE B 306 29.77 -8.17 -4.18
N LEU B 307 29.11 -9.15 -3.55
CA LEU B 307 27.69 -9.03 -3.28
C LEU B 307 27.42 -7.94 -2.23
N GLN B 308 28.29 -7.84 -1.21
CA GLN B 308 28.15 -6.77 -0.23
C GLN B 308 28.30 -5.40 -0.90
N LEU B 309 29.18 -5.30 -1.90
CA LEU B 309 29.32 -4.06 -2.67
C LEU B 309 28.05 -3.75 -3.45
N VAL B 310 27.56 -4.70 -4.24
CA VAL B 310 26.31 -4.47 -4.97
C VAL B 310 25.22 -4.04 -4.00
N SER B 311 25.05 -4.79 -2.91
CA SER B 311 24.07 -4.44 -1.89
C SER B 311 24.24 -3.00 -1.42
N ASP B 312 25.49 -2.63 -1.07
CA ASP B 312 25.75 -1.27 -0.58
C ASP B 312 25.44 -0.21 -1.63
N ALA B 313 25.68 -0.51 -2.90
CA ALA B 313 25.40 0.48 -3.92
C ALA B 313 23.90 0.63 -4.12
N VAL B 314 23.19 -0.49 -4.25
CA VAL B 314 21.76 -0.40 -4.52
C VAL B 314 21.06 0.32 -3.38
N TYR B 315 21.39 -0.02 -2.13
CA TYR B 315 20.79 0.67 -0.99
C TYR B 315 21.15 2.16 -1.01
N GLY B 316 22.45 2.46 -0.96
CA GLY B 316 22.86 3.85 -0.84
C GLY B 316 22.30 4.72 -1.94
N SER B 317 22.18 4.18 -3.15
CA SER B 317 21.63 4.93 -4.26
C SER B 317 20.21 5.42 -3.97
N GLY B 318 19.43 4.63 -3.26
CA GLY B 318 18.04 5.00 -3.07
C GLY B 318 17.18 4.91 -4.30
N VAL B 319 17.71 4.41 -5.42
CA VAL B 319 16.90 4.25 -6.62
C VAL B 319 15.73 3.31 -6.35
N LEU B 320 15.84 2.42 -5.37
CA LEU B 320 14.77 1.46 -5.13
C LEU B 320 13.51 2.14 -4.62
N ASP B 321 13.64 3.21 -3.83
CA ASP B 321 12.45 3.85 -3.29
C ASP B 321 11.69 4.59 -4.38
N ARG B 322 12.39 5.27 -5.28
CA ARG B 322 11.67 6.04 -6.30
C ARG B 322 11.01 5.13 -7.30
N LEU B 323 11.61 3.96 -7.56
CA LEU B 323 10.98 3.00 -8.45
C LEU B 323 9.73 2.38 -7.81
N LEU B 324 9.83 2.03 -6.52
CA LEU B 324 8.68 1.48 -5.82
C LEU B 324 7.48 2.42 -5.87
N GLU B 325 7.72 3.73 -5.74
CA GLU B 325 6.63 4.70 -5.85
C GLU B 325 5.96 4.63 -7.20
N ILE B 326 6.72 4.39 -8.26
CA ILE B 326 6.13 4.25 -9.57
C ILE B 326 5.34 2.97 -9.67
N GLN B 327 5.84 1.90 -9.05
CA GLN B 327 5.12 0.63 -9.08
C GLN B 327 3.79 0.74 -8.33
N LYS B 328 3.76 1.54 -7.25
CA LYS B 328 2.54 1.73 -6.49
C LYS B 328 1.52 2.60 -7.22
N LEU B 329 1.80 3.09 -8.43
CA LEU B 329 0.74 3.67 -9.25
C LEU B 329 -0.32 2.62 -9.61
N ASP B 330 0.02 1.33 -9.56
CA ASP B 330 -1.01 0.31 -9.47
C ASP B 330 -1.67 0.35 -8.10
N LYS B 331 -2.72 1.15 -7.95
CA LYS B 331 -3.37 1.40 -6.66
C LYS B 331 -4.53 0.46 -6.39
N LEU B 332 -5.15 -0.08 -7.43
CA LEU B 332 -6.39 -0.84 -7.29
C LEU B 332 -6.23 -2.31 -7.63
N ASP B 333 -5.03 -2.75 -8.00
CA ASP B 333 -4.74 -4.08 -8.51
C ASP B 333 -5.43 -4.27 -9.83
N ILE B 334 -4.96 -5.24 -10.62
CA ILE B 334 -5.62 -5.55 -11.88
C ILE B 334 -7.08 -5.93 -11.64
N GLU B 335 -7.39 -6.59 -10.53
CA GLU B 335 -8.78 -6.93 -10.24
C GLU B 335 -9.67 -5.71 -10.06
N GLY B 336 -9.08 -4.53 -9.85
CA GLY B 336 -9.82 -3.28 -9.80
C GLY B 336 -9.69 -2.49 -11.09
N ALA B 337 -8.47 -2.37 -11.62
CA ALA B 337 -8.24 -1.55 -12.79
C ALA B 337 -8.88 -2.13 -14.04
N ILE B 338 -9.10 -3.44 -14.11
CA ILE B 338 -9.73 -4.04 -15.30
C ILE B 338 -11.14 -3.47 -15.53
N HIS B 339 -11.85 -3.11 -14.46
CA HIS B 339 -13.18 -2.57 -14.68
C HIS B 339 -13.10 -1.24 -15.40
N CYS B 340 -12.12 -0.41 -15.03
CA CYS B 340 -11.91 0.86 -15.72
C CYS B 340 -11.52 0.65 -17.17
N TYR B 341 -10.76 -0.41 -17.46
CA TYR B 341 -10.37 -0.71 -18.83
C TYR B 341 -11.59 -0.85 -19.72
N TYR B 342 -12.54 -1.69 -19.31
CA TYR B 342 -13.75 -1.89 -20.11
C TYR B 342 -14.54 -0.60 -20.29
N ASP B 343 -14.57 0.28 -19.29
CA ASP B 343 -15.16 1.60 -19.53
C ASP B 343 -14.31 2.41 -20.52
N ILE B 344 -12.98 2.32 -20.41
CA ILE B 344 -12.09 3.09 -21.29
C ILE B 344 -12.33 2.71 -22.75
N ILE B 345 -12.52 1.42 -23.03
CA ILE B 345 -12.71 0.95 -24.41
C ILE B 345 -14.20 0.77 -24.73
N ASN B 346 -15.08 1.35 -23.92
CA ASN B 346 -16.52 1.41 -24.19
C ASN B 346 -17.07 0.02 -24.52
N GLN B 347 -16.75 -0.95 -23.68
CA GLN B 347 -17.26 -2.31 -23.74
C GLN B 347 -17.97 -2.64 -22.44
N PRO B 348 -19.19 -3.19 -22.48
CA PRO B 348 -19.86 -3.58 -21.23
C PRO B 348 -18.99 -4.51 -20.41
N CYS B 349 -18.90 -4.26 -19.12
CA CYS B 349 -17.95 -5.00 -18.30
C CYS B 349 -18.32 -6.46 -18.17
N PRO B 350 -17.56 -7.40 -18.75
CA PRO B 350 -17.84 -8.83 -18.50
C PRO B 350 -17.45 -9.31 -17.11
N ILE B 351 -16.64 -8.55 -16.36
CA ILE B 351 -16.38 -8.94 -14.98
C ILE B 351 -17.64 -8.76 -14.13
N CYS B 352 -18.24 -7.57 -14.18
CA CYS B 352 -19.51 -7.27 -13.51
C CYS B 352 -20.68 -7.99 -14.16
N LYS B 353 -20.40 -8.92 -15.05
CA LYS B 353 -21.45 -9.57 -15.83
C LYS B 353 -21.66 -10.96 -15.25
N GLU B 354 -22.86 -11.18 -14.71
CA GLU B 354 -23.17 -12.39 -13.97
C GLU B 354 -22.00 -12.78 -13.09
N GLY B 355 -21.88 -12.08 -11.97
CA GLY B 355 -20.88 -12.32 -10.94
C GLY B 355 -21.22 -11.41 -9.80
N ARG B 356 -22.22 -10.56 -10.02
CA ARG B 356 -22.54 -9.49 -9.11
C ARG B 356 -21.33 -8.56 -9.02
N GLU B 361 -20.91 -3.09 -10.41
CA GLU B 361 -20.10 -2.19 -9.60
C GLU B 361 -20.76 -0.86 -9.36
N LEU B 362 -20.65 -0.38 -8.15
CA LEU B 362 -21.21 0.91 -7.78
C LEU B 362 -20.16 1.97 -7.51
N SER B 363 -18.87 1.61 -7.57
CA SER B 363 -17.79 2.56 -7.27
C SER B 363 -16.93 2.82 -8.51
N LEU B 364 -16.20 1.84 -9.01
CA LEU B 364 -15.33 2.09 -10.15
C LEU B 364 -16.16 2.54 -11.36
N HIS B 365 -17.22 1.82 -11.68
CA HIS B 365 -18.01 2.06 -12.89
C HIS B 365 -18.82 3.36 -12.84
N ALA B 366 -18.93 4.00 -11.67
CA ALA B 366 -19.64 5.27 -11.58
C ALA B 366 -18.71 6.48 -11.55
N LEU B 367 -17.39 6.28 -11.66
CA LEU B 367 -16.43 7.36 -11.62
C LEU B 367 -16.55 8.25 -12.87
N PRO B 368 -16.13 9.51 -12.77
CA PRO B 368 -15.98 10.31 -14.00
C PRO B 368 -14.91 9.72 -14.92
N LEU B 369 -15.16 9.79 -16.22
CA LEU B 369 -14.25 9.25 -17.21
C LEU B 369 -12.81 9.69 -16.98
N ASP B 370 -12.61 10.97 -16.60
CA ASP B 370 -11.26 11.44 -16.35
C ASP B 370 -10.56 10.55 -15.33
N GLU B 371 -11.29 10.09 -14.33
CA GLU B 371 -10.73 9.24 -13.30
C GLU B 371 -10.42 7.86 -13.85
N SER B 372 -11.38 7.29 -14.59
CA SER B 372 -11.18 5.99 -15.21
C SER B 372 -9.94 6.01 -16.10
N LEU B 373 -9.83 7.04 -16.94
CA LEU B 373 -8.67 7.15 -17.82
C LEU B 373 -7.38 7.23 -17.00
N LYS B 374 -7.39 8.01 -15.91
CA LYS B 374 -6.23 8.17 -15.06
C LYS B 374 -5.80 6.85 -14.42
N ILE B 375 -6.78 6.02 -14.02
CA ILE B 375 -6.45 4.77 -13.33
C ILE B 375 -5.74 3.81 -14.25
N VAL B 376 -6.18 3.74 -15.51
CA VAL B 376 -5.57 2.81 -16.46
C VAL B 376 -4.20 3.31 -16.89
N LYS B 377 -4.04 4.63 -17.09
CA LYS B 377 -2.72 5.16 -17.44
C LYS B 377 -1.70 4.80 -16.38
N GLU B 378 -2.07 5.00 -15.11
CA GLU B 378 -1.17 4.74 -14.00
C GLU B 378 -0.89 3.26 -13.85
N TYR B 379 -1.90 2.43 -14.08
CA TYR B 379 -1.67 0.99 -14.07
C TYR B 379 -0.64 0.61 -15.13
N LEU B 380 -0.72 1.21 -16.32
CA LEU B 380 0.22 0.90 -17.39
C LEU B 380 1.60 1.48 -17.09
N ILE B 381 1.66 2.65 -16.45
CA ILE B 381 2.93 3.19 -16.00
C ILE B 381 3.52 2.29 -14.94
N ALA B 382 2.69 1.82 -14.01
CA ALA B 382 3.20 0.90 -12.99
C ALA B 382 3.75 -0.36 -13.65
N ALA B 383 3.09 -0.83 -14.71
CA ALA B 383 3.54 -2.03 -15.39
C ALA B 383 4.92 -1.84 -16.03
N THR B 384 5.15 -0.66 -16.63
CA THR B 384 6.49 -0.27 -17.06
C THR B 384 7.48 -0.44 -15.92
N ALA B 385 7.14 0.12 -14.75
CA ALA B 385 8.04 0.11 -13.62
C ALA B 385 8.21 -1.30 -13.05
N LYS B 386 7.20 -2.17 -13.18
CA LYS B 386 7.36 -3.53 -12.67
C LYS B 386 8.30 -4.37 -13.52
N ASP B 387 8.61 -3.94 -14.74
CA ASP B 387 9.40 -4.74 -15.67
C ASP B 387 10.70 -4.05 -16.10
N CYS B 388 11.01 -2.86 -15.60
CA CYS B 388 12.28 -2.24 -15.95
C CYS B 388 13.42 -3.01 -15.29
N SER B 389 14.64 -2.56 -15.57
CA SER B 389 15.85 -3.13 -14.98
C SER B 389 16.71 -2.01 -14.43
N ILE B 390 17.47 -2.34 -13.41
CA ILE B 390 18.46 -1.45 -12.83
C ILE B 390 19.82 -2.01 -13.16
N MET B 391 20.64 -1.21 -13.80
CA MET B 391 22.03 -1.56 -14.06
C MET B 391 22.93 -0.68 -13.21
N ILE B 392 23.88 -1.30 -12.54
CA ILE B 392 24.85 -0.60 -11.70
C ILE B 392 26.23 -0.88 -12.26
N SER B 393 26.94 0.17 -12.67
CA SER B 393 28.31 0.07 -13.14
C SER B 393 29.27 0.41 -12.00
N PHE B 394 30.26 -0.43 -11.78
CA PHE B 394 31.31 -0.21 -10.80
C PHE B 394 32.65 -0.05 -11.51
N GLN B 395 33.50 0.82 -10.98
CA GLN B 395 34.90 0.84 -11.35
C GLN B 395 35.71 1.21 -10.12
N SER B 396 37.02 0.91 -10.21
CA SER B 396 37.96 1.33 -9.19
C SER B 396 37.96 2.86 -9.10
N ARG B 397 37.80 3.36 -7.88
CA ARG B 397 37.66 4.81 -7.69
C ARG B 397 38.75 5.58 -8.44
N ASN B 398 38.35 6.71 -9.02
CA ASN B 398 39.31 7.59 -9.71
C ASN B 398 38.86 9.03 -9.47
N ALA B 399 39.48 9.68 -8.48
CA ALA B 399 39.00 10.95 -7.93
C ALA B 399 39.40 12.16 -8.77
N TRP B 400 39.95 11.96 -9.96
CA TRP B 400 40.19 13.06 -10.89
C TRP B 400 39.23 13.08 -12.05
N ASP B 401 38.68 11.92 -12.45
CA ASP B 401 37.63 11.86 -13.46
C ASP B 401 36.26 11.70 -12.82
N SER B 405 30.19 14.90 -6.73
CA SER B 405 29.89 14.78 -8.15
C SER B 405 29.84 13.32 -8.61
N GLY B 406 29.24 12.47 -7.79
CA GLY B 406 29.19 11.05 -8.07
C GLY B 406 29.20 10.24 -6.79
N ASP B 407 28.93 8.93 -6.94
CA ASP B 407 28.77 8.03 -5.81
C ASP B 407 29.87 6.97 -5.81
N TYR B 408 30.09 6.40 -4.64
CA TYR B 408 31.18 5.45 -4.47
C TYR B 408 30.85 4.53 -3.29
N VAL B 409 31.58 3.43 -3.19
CA VAL B 409 31.41 2.46 -2.13
C VAL B 409 32.79 1.99 -1.67
N SER B 410 32.92 1.76 -0.37
CA SER B 410 34.19 1.35 0.23
C SER B 410 34.09 -0.10 0.68
N LEU B 411 35.05 -0.92 0.25
CA LEU B 411 35.14 -2.30 0.70
C LEU B 411 36.24 -2.36 1.76
N LYS B 412 35.85 -1.98 2.99
CA LYS B 412 36.80 -1.84 4.10
C LYS B 412 37.87 -2.93 4.14
N PRO B 413 37.53 -4.24 4.13
CA PRO B 413 38.58 -5.26 4.23
C PRO B 413 39.60 -5.14 3.12
N THR B 414 39.17 -5.34 1.87
CA THR B 414 40.11 -5.27 0.75
C THR B 414 40.75 -3.89 0.63
N ASN B 415 40.14 -2.86 1.24
CA ASN B 415 40.70 -1.52 1.31
C ASN B 415 40.64 -0.77 -0.01
N GLN B 416 39.77 -1.19 -0.91
CA GLN B 416 39.52 -0.46 -2.14
C GLN B 416 38.27 0.39 -1.98
N THR B 417 38.08 1.28 -2.94
CA THR B 417 36.88 2.08 -3.08
C THR B 417 36.44 1.95 -4.52
N PHE B 418 35.13 1.94 -4.75
CA PHE B 418 34.63 1.80 -6.11
C PHE B 418 33.66 2.93 -6.40
N ASP B 419 33.85 3.57 -7.54
CA ASP B 419 32.79 4.44 -8.04
C ASP B 419 31.66 3.59 -8.62
N TYR B 420 30.46 4.16 -8.65
CA TYR B 420 29.35 3.44 -9.26
C TYR B 420 28.38 4.42 -9.88
N LYS B 421 27.77 4.00 -10.98
CA LYS B 421 26.66 4.68 -11.62
C LYS B 421 25.44 3.76 -11.59
N VAL B 422 24.26 4.35 -11.52
CA VAL B 422 23.02 3.60 -11.56
C VAL B 422 22.15 4.11 -12.69
N HIS B 423 21.57 3.21 -13.46
CA HIS B 423 20.69 3.58 -14.55
C HIS B 423 19.49 2.64 -14.59
N PHE B 424 18.30 3.21 -14.82
CA PHE B 424 17.16 2.40 -15.21
C PHE B 424 17.24 2.13 -16.70
N ILE B 425 16.85 0.92 -17.10
CA ILE B 425 16.67 0.57 -18.50
C ILE B 425 15.32 -0.11 -18.65
N ASP B 426 14.88 -0.30 -19.90
CA ASP B 426 13.62 -0.97 -20.21
C ASP B 426 12.45 -0.22 -19.56
N LEU B 427 12.24 1.00 -20.05
CA LEU B 427 11.09 1.80 -19.65
C LEU B 427 10.08 1.85 -20.79
N SER B 428 9.82 0.70 -21.39
CA SER B 428 8.92 0.61 -22.54
C SER B 428 7.47 0.89 -22.15
N LEU B 429 6.75 1.46 -23.11
CA LEU B 429 5.32 1.62 -22.99
C LEU B 429 4.64 0.26 -23.12
N LYS B 430 3.70 -0.09 -22.11
CA LYS B 430 2.94 -1.34 -22.26
C LYS B 430 1.66 -1.12 -23.06
N PRO B 431 1.31 -2.00 -23.99
CA PRO B 431 0.09 -1.76 -24.78
C PRO B 431 -1.18 -1.96 -23.97
N LEU B 432 -2.10 -1.00 -24.16
CA LEU B 432 -3.36 -0.97 -23.43
C LEU B 432 -4.12 -2.30 -23.51
N LYS B 433 -4.20 -2.90 -24.71
CA LYS B 433 -4.96 -4.13 -24.90
C LYS B 433 -4.45 -5.24 -24.00
N ARG B 434 -3.23 -5.12 -23.48
CA ARG B 434 -2.68 -6.13 -22.58
C ARG B 434 -3.39 -6.18 -21.23
N MET B 435 -4.23 -5.18 -20.90
CA MET B 435 -5.03 -5.22 -19.68
C MET B 435 -5.79 -6.53 -19.54
N GLU B 436 -6.30 -7.06 -20.64
CA GLU B 436 -7.02 -8.33 -20.61
C GLU B 436 -6.07 -9.50 -20.34
N SER B 437 -4.89 -9.50 -20.97
CA SER B 437 -3.92 -10.56 -20.65
C SER B 437 -3.50 -10.47 -19.20
N TYR B 438 -3.26 -9.26 -18.70
CA TYR B 438 -2.90 -9.08 -17.30
C TYR B 438 -3.96 -9.69 -16.39
N TYR B 439 -5.23 -9.42 -16.69
CA TYR B 439 -6.29 -9.98 -15.85
C TYR B 439 -6.30 -11.49 -15.88
N LYS B 440 -6.27 -12.08 -17.08
CA LYS B 440 -6.33 -13.54 -17.19
C LYS B 440 -5.12 -14.19 -16.55
N LEU B 441 -3.93 -13.59 -16.72
CA LEU B 441 -2.72 -14.09 -16.07
C LEU B 441 -2.83 -14.01 -14.56
N ASP B 442 -3.24 -12.86 -14.03
CA ASP B 442 -3.42 -12.74 -12.59
C ASP B 442 -4.38 -13.83 -12.10
N LYS B 443 -5.46 -14.05 -12.84
CA LYS B 443 -6.42 -15.07 -12.46
C LYS B 443 -5.78 -16.45 -12.43
N LYS B 444 -4.99 -16.77 -13.44
CA LYS B 444 -4.31 -18.06 -13.48
C LYS B 444 -3.35 -18.22 -12.32
N ILE B 445 -2.58 -17.17 -12.01
CA ILE B 445 -1.57 -17.25 -10.96
C ILE B 445 -2.20 -17.53 -9.60
N ILE B 446 -3.17 -16.71 -9.18
CA ILE B 446 -3.74 -16.88 -7.84
C ILE B 446 -4.53 -18.17 -7.76
N SER B 447 -5.13 -18.60 -8.87
CA SER B 447 -5.96 -19.80 -8.86
C SER B 447 -5.08 -21.04 -8.72
N PHE B 448 -4.03 -21.11 -9.52
CA PHE B 448 -3.04 -22.18 -9.36
C PHE B 448 -2.42 -22.13 -7.98
N TYR B 449 -2.07 -20.93 -7.50
CA TYR B 449 -1.47 -20.83 -6.17
C TYR B 449 -2.42 -21.31 -5.09
N ASN B 450 -3.73 -21.04 -5.26
CA ASN B 450 -4.68 -21.51 -4.27
C ASN B 450 -4.75 -23.04 -4.24
N ARG B 451 -4.74 -23.68 -5.41
CA ARG B 451 -4.76 -25.15 -5.44
C ARG B 451 -3.56 -25.74 -4.70
N LYS B 452 -2.35 -25.27 -5.01
CA LYS B 452 -1.15 -25.82 -4.39
C LYS B 452 -1.08 -25.62 -2.90
N GLN B 453 -1.93 -24.76 -2.32
CA GLN B 453 -2.01 -24.63 -0.87
C GLN B 453 -3.03 -25.57 -0.24
N LYS B 454 -3.93 -26.17 -1.05
CA LYS B 454 -4.76 -27.30 -0.61
C LYS B 454 -3.94 -28.59 -0.43
N ALA B 455 -2.61 -28.48 -0.52
CA ALA B 455 -1.70 -29.60 -0.27
C ALA B 455 -1.55 -29.87 1.23
#